data_4YDH
#
_entry.id   4YDH
#
_cell.length_a   87.600
_cell.length_b   102.100
_cell.length_c   170.600
_cell.angle_alpha   90.00
_cell.angle_beta   90.00
_cell.angle_gamma   90.00
#
_symmetry.space_group_name_H-M   'P 21 21 21'
#
loop_
_entity.id
_entity.type
_entity.pdbx_description
1 polymer 'Formin-like protein 1'
2 polymer 'Cell division control protein 42 homolog'
3 non-polymer 'PHOSPHOAMINOPHOSPHONIC ACID-GUANYLATE ESTER'
4 non-polymer 'MAGNESIUM ION'
#
loop_
_entity_poly.entity_id
_entity_poly.type
_entity_poly.pdbx_seq_one_letter_code
_entity_poly.pdbx_strand_id
1 'polypeptide(L)'
;GAMGNAAGSAEQPAGPAAPPPKQPAPPKQPMPAAGELEERFNRALNCMNLPPDKVQLLSQYDNEKKWELICDQERFQVKN
PPAAYIQKLKSYVDTGGVSRKVAADWMSNLGFKRRVQESTQVLRELETSLRTNHIGWVQEFLNEENRGLDVLLEYLAFAQ
CSVTYDMESTDNGSRHLTIKLTPAHSRKALRNSRIVSQKDDVHVCIMCLRAIMNYQSGFSLVMNHPACVNEIALSLNNKN
PRTKALVLELLAAVCLVRGGHDIILAAFDNFKEVCGEQHRFEKLMEYFRNEDSNIDFMVACMQFINIVVHSVENMNFRVF
LQYEFTHLGLDLYLERLRLTESDKLQVQIQAYLDNIFDVGALLEDTETKNAVLEHMEELQEQVALLTERLRDAENESMAK
IAELEKQLSQARKELETLRERFSESTAMGASRR
;
A,C
2 'polypeptide(L)'
;GAMQTIKCVVVGDGAVGKTCLLISYTTNKFPSEYVPTVFDNYAVTVMIGGEPYTLGLFDTAGQEDYDRLRPLSYPQTDVF
LVCFSVVSPSSFENVKEKWVPEITHHCPKTPFLLVGTQIDLRDDPSTIEKLAKNKQKPITPETAEKLARDLKAVKYVECS
ALTQRGLKNVFDEAILAALEP
;
B,D
#
# COMPACT_ATOMS: atom_id res chain seq x y z
N ALA A 33 -1.83 -67.98 6.84
CA ALA A 33 -1.95 -67.14 5.65
C ALA A 33 -3.28 -67.37 4.94
N ALA A 34 -4.39 -67.11 5.63
CA ALA A 34 -5.72 -67.41 5.09
C ALA A 34 -6.12 -66.52 3.91
N GLY A 35 -6.63 -67.15 2.86
CA GLY A 35 -7.05 -66.45 1.67
C GLY A 35 -8.52 -66.14 1.55
N GLU A 36 -8.96 -65.07 2.20
CA GLU A 36 -10.31 -64.58 2.08
C GLU A 36 -10.25 -63.66 0.86
N LEU A 37 -11.23 -62.80 0.60
CA LEU A 37 -10.96 -61.76 -0.38
C LEU A 37 -10.28 -60.67 0.44
N GLU A 38 -9.14 -60.27 -0.08
CA GLU A 38 -8.16 -59.41 0.59
C GLU A 38 -8.54 -57.95 0.71
N GLU A 39 -9.67 -57.61 1.33
CA GLU A 39 -9.89 -56.22 1.69
C GLU A 39 -9.63 -55.99 3.19
N ARG A 40 -8.98 -56.96 3.83
CA ARG A 40 -8.30 -56.71 5.11
C ARG A 40 -7.03 -55.92 4.74
N PHE A 41 -6.67 -56.02 3.47
CA PHE A 41 -5.62 -55.20 2.88
C PHE A 41 -6.08 -53.76 2.80
N ASN A 42 -7.33 -53.52 2.49
CA ASN A 42 -7.72 -52.14 2.40
C ASN A 42 -7.52 -51.33 3.67
N ARG A 43 -7.76 -51.93 4.83
CA ARG A 43 -7.68 -51.14 6.05
C ARG A 43 -6.31 -50.53 6.34
N ALA A 44 -5.24 -51.28 6.14
CA ALA A 44 -3.93 -50.77 6.49
C ALA A 44 -3.31 -49.94 5.39
N LEU A 45 -4.04 -49.80 4.31
CA LEU A 45 -3.53 -49.06 3.16
C LEU A 45 -4.06 -47.67 3.34
N ASN A 46 -5.36 -47.56 3.61
CA ASN A 46 -5.85 -46.35 4.23
C ASN A 46 -5.30 -46.57 5.63
N CYS A 47 -5.09 -45.50 6.39
CA CYS A 47 -4.49 -45.53 7.74
C CYS A 47 -2.97 -45.46 7.55
N MET A 48 -2.54 -45.23 6.32
CA MET A 48 -1.14 -44.92 6.03
C MET A 48 -1.04 -43.58 5.33
N ASN A 49 -2.18 -42.97 5.08
CA ASN A 49 -2.27 -41.62 4.50
C ASN A 49 -1.43 -41.50 3.23
N LEU A 50 -1.69 -42.36 2.26
CA LEU A 50 -0.97 -42.39 1.00
C LEU A 50 -1.76 -41.71 -0.10
N PRO A 51 -1.08 -40.91 -0.95
CA PRO A 51 -1.79 -40.30 -2.08
C PRO A 51 -2.45 -41.36 -2.96
N PRO A 52 -3.61 -41.03 -3.53
CA PRO A 52 -4.30 -41.88 -4.51
C PRO A 52 -3.35 -42.27 -5.64
N ASP A 53 -2.44 -41.38 -5.97
CA ASP A 53 -1.37 -41.64 -6.92
C ASP A 53 -0.62 -42.93 -6.56
N LYS A 54 -0.24 -43.05 -5.29
CA LYS A 54 0.58 -44.17 -4.82
C LYS A 54 -0.26 -45.40 -4.48
N VAL A 55 -1.57 -45.24 -4.41
CA VAL A 55 -2.44 -46.38 -4.12
C VAL A 55 -2.73 -47.13 -5.42
N GLN A 56 -2.58 -46.44 -6.55
CA GLN A 56 -2.71 -47.09 -7.84
C GLN A 56 -1.56 -48.04 -8.12
N LEU A 57 -0.35 -47.58 -7.84
CA LEU A 57 0.84 -48.42 -7.93
C LEU A 57 0.93 -49.54 -6.91
N LEU A 58 0.36 -49.34 -5.73
CA LEU A 58 0.62 -50.31 -4.66
C LEU A 58 -0.42 -51.41 -4.60
N SER A 59 -1.67 -51.08 -4.93
CA SER A 59 -2.77 -52.03 -4.83
C SER A 59 -2.61 -53.18 -5.81
N GLN A 60 -1.84 -52.93 -6.87
CA GLN A 60 -1.62 -53.96 -7.87
C GLN A 60 -0.28 -54.64 -7.60
N TYR A 61 -0.17 -55.20 -6.40
CA TYR A 61 0.96 -56.02 -6.00
C TYR A 61 0.61 -57.50 -6.11
N ASP A 62 1.63 -58.35 -5.97
CA ASP A 62 1.45 -59.81 -5.89
C ASP A 62 0.62 -60.14 -4.64
N ASN A 63 0.00 -61.32 -4.63
CA ASN A 63 -0.87 -61.69 -3.51
C ASN A 63 -0.16 -61.96 -2.19
N GLU A 64 1.04 -62.53 -2.23
CA GLU A 64 1.75 -62.79 -1.00
C GLU A 64 2.34 -61.50 -0.43
N LYS A 65 3.00 -60.72 -1.27
CA LYS A 65 3.60 -59.46 -0.82
C LYS A 65 2.50 -58.42 -0.60
N LYS A 66 1.26 -58.89 -0.55
CA LYS A 66 0.13 -58.07 -0.18
C LYS A 66 -0.40 -58.42 1.20
N TRP A 67 -0.61 -59.72 1.46
CA TRP A 67 -1.01 -60.14 2.80
C TRP A 67 0.17 -60.00 3.76
N GLU A 68 1.37 -60.21 3.24
CA GLU A 68 2.58 -60.12 4.05
C GLU A 68 2.66 -58.75 4.69
N LEU A 69 2.16 -57.75 3.96
CA LEU A 69 2.03 -56.40 4.48
C LEU A 69 1.01 -56.29 5.60
N ILE A 70 -0.18 -56.84 5.36
CA ILE A 70 -1.28 -56.77 6.33
C ILE A 70 -0.88 -57.19 7.73
N CYS A 71 -0.05 -58.22 7.84
CA CYS A 71 0.28 -58.75 9.15
C CYS A 71 1.45 -58.01 9.79
N ASP A 72 2.26 -57.32 8.98
CA ASP A 72 3.25 -56.39 9.55
C ASP A 72 2.57 -55.19 10.20
N GLN A 73 1.45 -54.76 9.62
CA GLN A 73 0.68 -53.69 10.23
C GLN A 73 0.14 -54.12 11.58
N GLU A 74 -0.44 -55.32 11.62
CA GLU A 74 -1.06 -55.81 12.84
C GLU A 74 -0.01 -56.14 13.90
N ARG A 75 1.23 -56.41 13.49
CA ARG A 75 2.29 -56.65 14.47
C ARG A 75 2.90 -55.36 15.00
N PHE A 76 2.69 -54.26 14.29
CA PHE A 76 3.35 -53.02 14.64
C PHE A 76 2.56 -52.27 15.69
N GLN A 77 3.24 -51.80 16.72
CA GLN A 77 2.55 -51.14 17.82
C GLN A 77 3.16 -49.77 18.15
N VAL A 78 2.32 -48.87 18.66
CA VAL A 78 2.72 -47.51 18.98
C VAL A 78 3.24 -47.38 20.40
N LYS A 79 4.43 -46.80 20.54
CA LYS A 79 5.11 -46.68 21.82
C LYS A 79 4.31 -45.84 22.82
N ASN A 80 3.90 -44.64 22.41
CA ASN A 80 3.22 -43.73 23.31
C ASN A 80 1.96 -43.09 22.73
N PRO A 81 0.89 -43.02 23.53
CA PRO A 81 -0.34 -42.30 23.15
C PRO A 81 -0.08 -40.81 23.16
N PRO A 82 -0.86 -40.02 22.39
CA PRO A 82 -0.64 -38.57 22.29
C PRO A 82 -0.77 -37.85 23.63
N ALA A 83 -1.59 -38.37 24.53
CA ALA A 83 -1.75 -37.74 25.83
C ALA A 83 -0.41 -37.68 26.57
N ALA A 84 0.42 -38.68 26.37
CA ALA A 84 1.71 -38.75 27.04
C ALA A 84 2.59 -37.57 26.67
N TYR A 85 2.55 -37.18 25.40
CA TYR A 85 3.35 -36.06 24.91
C TYR A 85 2.68 -34.74 25.30
N ILE A 86 1.35 -34.68 25.18
CA ILE A 86 0.59 -33.49 25.55
C ILE A 86 0.89 -33.00 26.97
N GLN A 87 0.85 -33.91 27.95
CA GLN A 87 1.06 -33.55 29.34
C GLN A 87 2.41 -32.87 29.55
N LYS A 88 3.47 -33.55 29.14
CA LYS A 88 4.82 -33.08 29.40
C LYS A 88 5.14 -31.77 28.69
N LEU A 89 4.36 -31.43 27.68
CA LEU A 89 4.55 -30.16 26.98
C LEU A 89 3.75 -29.03 27.63
N LYS A 90 2.55 -29.34 28.08
CA LYS A 90 1.71 -28.35 28.75
C LYS A 90 2.37 -27.90 30.05
N SER A 91 3.08 -28.83 30.69
CA SER A 91 3.76 -28.54 31.94
C SER A 91 4.89 -27.53 31.73
N TYR A 92 5.44 -27.49 30.53
CA TYR A 92 6.51 -26.57 30.19
C TYR A 92 6.02 -25.13 30.15
N VAL A 93 4.70 -24.96 30.17
CA VAL A 93 4.10 -23.64 30.13
C VAL A 93 3.66 -23.15 31.52
N ASP A 94 4.38 -22.19 32.07
CA ASP A 94 4.01 -21.52 33.33
C ASP A 94 4.83 -20.26 33.59
N PHE A 112 17.18 -20.89 37.54
CA PHE A 112 16.12 -21.86 37.87
C PHE A 112 15.50 -22.24 36.54
N LYS A 113 14.35 -22.90 36.58
CA LYS A 113 13.78 -23.64 35.46
C LYS A 113 14.77 -24.56 34.84
N ARG A 114 15.00 -24.41 33.53
CA ARG A 114 15.94 -25.26 32.83
C ARG A 114 15.74 -26.69 33.25
N ARG A 115 14.55 -27.02 33.73
CA ARG A 115 14.26 -28.40 34.06
C ARG A 115 13.67 -28.98 32.81
N VAL A 116 13.51 -28.11 31.83
CA VAL A 116 12.96 -28.46 30.54
C VAL A 116 14.08 -28.89 29.61
N GLN A 117 15.30 -28.76 30.08
CA GLN A 117 16.43 -29.08 29.21
C GLN A 117 16.15 -30.24 28.22
N GLU A 118 15.47 -31.30 28.67
CA GLU A 118 15.27 -32.48 27.83
C GLU A 118 14.02 -32.32 26.96
N SER A 119 13.48 -31.11 26.93
CA SER A 119 12.33 -30.74 26.09
C SER A 119 12.54 -31.01 24.61
N THR A 120 13.70 -30.59 24.11
CA THR A 120 14.01 -30.63 22.69
C THR A 120 13.79 -32.02 22.11
N GLN A 121 14.16 -33.03 22.87
CA GLN A 121 14.00 -34.41 22.41
C GLN A 121 12.54 -34.81 22.45
N VAL A 122 11.79 -34.27 23.40
CA VAL A 122 10.37 -34.59 23.49
C VAL A 122 9.66 -34.08 22.25
N LEU A 123 10.03 -32.89 21.80
CA LEU A 123 9.47 -32.33 20.59
C LEU A 123 9.89 -33.16 19.37
N ARG A 124 11.13 -33.63 19.39
CA ARG A 124 11.67 -34.38 18.26
C ARG A 124 11.02 -35.75 18.18
N GLU A 125 10.67 -36.31 19.33
CA GLU A 125 10.04 -37.61 19.37
C GLU A 125 8.55 -37.52 19.11
N LEU A 126 8.01 -36.33 19.27
CA LEU A 126 6.62 -36.08 18.92
C LEU A 126 6.47 -35.94 17.41
N GLU A 127 7.38 -35.17 16.80
CA GLU A 127 7.38 -34.99 15.35
C GLU A 127 7.49 -36.33 14.67
N THR A 128 8.41 -37.15 15.16
CA THR A 128 8.62 -38.45 14.58
C THR A 128 7.34 -39.26 14.72
N SER A 129 6.65 -39.07 15.84
CA SER A 129 5.43 -39.80 16.09
C SER A 129 4.30 -39.33 15.17
N LEU A 130 4.21 -38.02 14.97
CA LEU A 130 3.17 -37.45 14.11
C LEU A 130 3.34 -37.84 12.65
N ARG A 131 4.59 -37.90 12.20
CA ARG A 131 4.87 -38.12 10.79
C ARG A 131 4.78 -39.60 10.39
N THR A 132 5.25 -40.50 11.24
CA THR A 132 5.44 -41.90 10.83
C THR A 132 4.43 -42.91 11.40
N ASN A 133 3.63 -42.49 12.36
CA ASN A 133 2.58 -43.36 12.89
C ASN A 133 1.30 -43.41 12.04
N HIS A 134 0.43 -44.37 12.36
CA HIS A 134 -0.85 -44.51 11.68
C HIS A 134 -1.64 -43.24 11.83
N ILE A 135 -2.45 -42.91 10.82
CA ILE A 135 -3.12 -41.61 10.75
C ILE A 135 -4.03 -41.31 11.95
N GLY A 136 -4.52 -42.36 12.61
CA GLY A 136 -5.37 -42.20 13.77
C GLY A 136 -4.66 -41.50 14.91
N TRP A 137 -3.36 -41.76 15.05
CA TRP A 137 -2.57 -41.17 16.13
C TRP A 137 -2.60 -39.66 16.00
N VAL A 138 -2.68 -39.17 14.77
CA VAL A 138 -2.75 -37.75 14.53
C VAL A 138 -4.13 -37.19 14.92
N GLN A 139 -5.18 -37.88 14.48
CA GLN A 139 -6.54 -37.49 14.84
C GLN A 139 -6.75 -37.47 16.35
N GLU A 140 -6.22 -38.48 17.03
CA GLU A 140 -6.37 -38.58 18.49
C GLU A 140 -5.66 -37.42 19.12
N PHE A 141 -4.51 -37.06 18.55
CA PHE A 141 -3.73 -35.92 19.03
C PHE A 141 -4.50 -34.62 18.83
N LEU A 142 -5.25 -34.52 17.73
CA LEU A 142 -5.89 -33.26 17.35
C LEU A 142 -7.36 -33.10 17.77
N ASN A 143 -7.97 -34.14 18.35
CA ASN A 143 -9.39 -34.05 18.69
C ASN A 143 -9.62 -33.19 19.94
N GLU A 144 -10.89 -32.96 20.30
CA GLU A 144 -11.22 -32.09 21.43
C GLU A 144 -10.68 -32.60 22.76
N GLU A 145 -10.62 -33.91 22.94
CA GLU A 145 -10.21 -34.47 24.22
C GLU A 145 -8.75 -34.14 24.55
N ASN A 146 -7.85 -34.55 23.68
CA ASN A 146 -6.42 -34.27 23.87
C ASN A 146 -6.09 -32.81 23.57
N ARG A 147 -6.77 -32.24 22.57
CA ARG A 147 -6.56 -30.87 22.14
C ARG A 147 -5.10 -30.53 21.84
N GLY A 148 -4.54 -31.21 20.84
CA GLY A 148 -3.12 -31.12 20.56
C GLY A 148 -2.62 -29.85 19.88
N LEU A 149 -3.34 -29.37 18.88
CA LEU A 149 -2.90 -28.18 18.17
C LEU A 149 -2.74 -27.01 19.10
N ASP A 150 -3.67 -26.87 20.02
CA ASP A 150 -3.63 -25.72 20.92
C ASP A 150 -2.37 -25.75 21.77
N VAL A 151 -2.23 -26.77 22.62
CA VAL A 151 -1.10 -26.84 23.56
C VAL A 151 0.25 -26.76 22.82
N LEU A 152 0.29 -27.34 21.63
CA LEU A 152 1.44 -27.24 20.75
C LEU A 152 1.71 -25.80 20.35
N LEU A 153 0.67 -25.10 19.93
CA LEU A 153 0.82 -23.72 19.50
C LEU A 153 1.24 -22.75 20.63
N GLU A 154 0.72 -22.94 21.83
CA GLU A 154 1.06 -22.06 22.97
C GLU A 154 2.51 -22.26 23.37
N TYR A 155 3.05 -23.47 23.19
CA TYR A 155 4.46 -23.68 23.51
C TYR A 155 5.35 -22.95 22.50
N LEU A 156 4.96 -22.96 21.23
CA LEU A 156 5.73 -22.24 20.22
C LEU A 156 5.72 -20.76 20.53
N ALA A 157 4.55 -20.26 20.92
CA ALA A 157 4.42 -18.86 21.27
C ALA A 157 5.33 -18.53 22.44
N PHE A 158 5.47 -19.47 23.38
CA PHE A 158 6.33 -19.27 24.54
C PHE A 158 7.82 -19.19 24.19
N ALA A 159 8.28 -20.02 23.27
CA ALA A 159 9.70 -20.07 22.96
C ALA A 159 10.06 -18.87 22.11
N GLN A 160 9.04 -18.32 21.48
CA GLN A 160 9.24 -17.27 20.50
C GLN A 160 8.88 -15.87 20.94
N CYS A 161 8.81 -15.60 22.24
CA CYS A 161 8.43 -14.25 22.65
C CYS A 161 9.63 -13.39 23.01
N SER A 162 10.83 -13.93 22.84
CA SER A 162 12.04 -13.15 23.07
C SER A 162 12.59 -12.62 21.78
N VAL A 163 12.26 -13.27 20.67
CA VAL A 163 12.81 -12.90 19.38
C VAL A 163 11.85 -11.96 18.67
N THR A 164 10.56 -12.06 19.01
CA THR A 164 9.57 -11.12 18.49
C THR A 164 9.63 -9.82 19.28
N TYR A 165 10.40 -9.81 20.37
CA TYR A 165 10.41 -8.64 21.23
C TYR A 165 11.68 -7.82 21.04
N ASP A 166 12.82 -8.49 21.08
CA ASP A 166 14.13 -7.85 20.88
C ASP A 166 13.70 -7.44 19.46
N MET A 167 13.26 -6.19 19.33
CA MET A 167 13.07 -5.53 18.04
C MET A 167 12.27 -4.24 18.19
N SER A 186 3.82 -10.50 30.54
CA SER A 186 4.07 -11.87 30.19
C SER A 186 5.53 -12.17 30.41
N ARG A 187 6.17 -11.19 31.01
CA ARG A 187 7.59 -11.11 31.26
C ARG A 187 8.18 -12.13 32.19
N LYS A 188 7.37 -12.76 33.02
CA LYS A 188 8.00 -13.64 33.95
C LYS A 188 8.73 -14.65 33.10
N ALA A 189 8.07 -15.14 32.07
CA ALA A 189 8.72 -16.03 31.13
C ALA A 189 9.76 -15.34 30.27
N LEU A 190 9.39 -14.16 29.82
CA LEU A 190 10.12 -13.45 28.81
C LEU A 190 11.57 -13.79 29.04
N ARG A 191 11.97 -13.70 30.30
CA ARG A 191 13.28 -14.16 30.73
C ARG A 191 13.45 -15.64 30.40
N ASN A 192 12.45 -16.46 30.75
CA ASN A 192 12.54 -17.90 30.54
C ASN A 192 12.45 -18.30 29.07
N SER A 193 12.21 -17.29 28.23
CA SER A 193 12.03 -17.49 26.79
C SER A 193 13.35 -17.50 26.02
N ARG A 194 14.32 -16.73 26.50
CA ARG A 194 15.56 -16.52 25.76
C ARG A 194 16.39 -17.80 25.66
N ILE A 195 16.35 -18.60 26.71
CA ILE A 195 17.13 -19.83 26.75
C ILE A 195 16.55 -20.93 25.86
N VAL A 196 15.23 -21.06 25.83
CA VAL A 196 14.55 -22.04 24.99
C VAL A 196 14.59 -21.61 23.51
N SER A 197 14.79 -20.32 23.27
CA SER A 197 14.84 -19.82 21.91
C SER A 197 16.13 -20.20 21.18
N GLN A 198 17.23 -20.26 21.95
CA GLN A 198 18.50 -20.78 21.47
C GLN A 198 18.34 -22.17 20.88
N LYS A 199 17.61 -23.00 21.61
CA LYS A 199 17.43 -24.40 21.25
C LYS A 199 16.78 -24.58 19.88
N ASP A 200 16.61 -25.83 19.50
CA ASP A 200 16.01 -26.23 18.23
C ASP A 200 14.49 -26.20 18.31
N ASP A 201 13.99 -26.15 19.54
CA ASP A 201 12.55 -26.22 19.83
C ASP A 201 11.68 -25.41 18.89
N VAL A 202 12.08 -24.19 18.57
CA VAL A 202 11.26 -23.34 17.71
C VAL A 202 11.18 -23.97 16.33
N HIS A 203 12.30 -24.50 15.85
CA HIS A 203 12.33 -25.04 14.50
C HIS A 203 11.70 -26.44 14.42
N VAL A 204 11.84 -27.24 15.48
CA VAL A 204 11.20 -28.56 15.52
C VAL A 204 9.67 -28.45 15.54
N CYS A 205 9.17 -27.50 16.32
CA CYS A 205 7.74 -27.29 16.43
C CYS A 205 7.08 -27.03 15.09
N ILE A 206 7.74 -26.24 14.25
CA ILE A 206 7.23 -25.94 12.92
C ILE A 206 7.18 -27.21 12.06
N MET A 207 8.15 -28.10 12.24
CA MET A 207 8.20 -29.35 11.50
C MET A 207 7.00 -30.24 11.85
N CYS A 208 6.49 -30.08 13.07
CA CYS A 208 5.29 -30.79 13.48
C CYS A 208 4.05 -30.29 12.75
N LEU A 209 3.97 -28.98 12.55
CA LEU A 209 2.84 -28.38 11.84
C LEU A 209 2.90 -28.80 10.38
N ARG A 210 4.11 -28.77 9.82
CA ARG A 210 4.38 -29.26 8.47
C ARG A 210 3.83 -30.68 8.31
N ALA A 211 3.97 -31.47 9.37
CA ALA A 211 3.44 -32.83 9.38
C ALA A 211 1.92 -32.84 9.48
N ILE A 212 1.35 -31.99 10.32
CA ILE A 212 -0.09 -31.93 10.48
C ILE A 212 -0.80 -31.48 9.20
N MET A 213 -0.17 -30.60 8.44
CA MET A 213 -0.84 -30.01 7.29
C MET A 213 -0.80 -30.89 6.04
N ASN A 214 -0.03 -31.98 6.06
CA ASN A 214 -0.07 -32.93 4.95
C ASN A 214 -1.25 -33.88 5.13
N TYR A 215 -1.82 -33.84 6.33
CA TYR A 215 -2.99 -34.65 6.66
C TYR A 215 -4.23 -33.83 6.36
N GLN A 216 -5.06 -34.36 5.47
CA GLN A 216 -6.18 -33.63 4.89
C GLN A 216 -7.10 -32.96 5.92
N SER A 217 -7.55 -33.73 6.90
CA SER A 217 -8.44 -33.23 7.93
C SER A 217 -7.73 -32.23 8.86
N GLY A 218 -6.47 -32.49 9.15
CA GLY A 218 -5.71 -31.63 10.04
C GLY A 218 -5.39 -30.28 9.42
N PHE A 219 -5.16 -30.29 8.10
CA PHE A 219 -4.85 -29.07 7.37
C PHE A 219 -6.05 -28.14 7.39
N SER A 220 -7.24 -28.74 7.34
CA SER A 220 -8.49 -27.99 7.40
C SER A 220 -8.72 -27.40 8.81
N LEU A 221 -8.25 -28.12 9.83
CA LEU A 221 -8.38 -27.66 11.22
C LEU A 221 -7.45 -26.49 11.53
N VAL A 222 -6.44 -26.30 10.69
CA VAL A 222 -5.43 -25.27 10.93
C VAL A 222 -5.87 -23.89 10.41
N MET A 223 -6.50 -23.87 9.23
CA MET A 223 -6.98 -22.61 8.67
C MET A 223 -8.19 -22.05 9.42
N ASN A 224 -8.97 -22.93 10.05
CA ASN A 224 -10.13 -22.48 10.78
C ASN A 224 -9.74 -22.05 12.19
N HIS A 225 -8.49 -22.36 12.56
CA HIS A 225 -7.89 -21.84 13.79
C HIS A 225 -7.34 -20.44 13.51
N PRO A 226 -7.76 -19.45 14.31
CA PRO A 226 -7.34 -18.07 14.05
C PRO A 226 -5.83 -17.84 14.28
N ALA A 227 -5.38 -18.07 15.50
CA ALA A 227 -4.01 -17.74 15.89
C ALA A 227 -2.97 -18.65 15.24
N CYS A 228 -3.37 -19.86 14.87
CA CYS A 228 -2.44 -20.88 14.37
C CYS A 228 -1.50 -20.39 13.27
N VAL A 229 -2.08 -20.00 12.15
CA VAL A 229 -1.32 -19.51 11.01
C VAL A 229 -0.65 -18.16 11.33
N ASN A 230 -1.28 -17.41 12.23
CA ASN A 230 -0.79 -16.10 12.60
C ASN A 230 0.51 -16.18 13.40
N GLU A 231 0.67 -17.23 14.19
CA GLU A 231 1.91 -17.45 14.93
C GLU A 231 3.02 -17.92 14.00
N ILE A 232 2.64 -18.67 12.97
CA ILE A 232 3.60 -19.16 11.97
C ILE A 232 4.23 -18.00 11.21
N ALA A 233 3.44 -16.97 10.93
CA ALA A 233 3.96 -15.80 10.25
C ALA A 233 5.06 -15.15 11.10
N LEU A 234 4.88 -15.18 12.41
CA LEU A 234 5.88 -14.66 13.33
C LEU A 234 7.09 -15.58 13.41
N SER A 235 6.91 -16.82 12.94
CA SER A 235 7.98 -17.82 13.00
C SER A 235 9.06 -17.57 11.96
N LEU A 236 8.93 -16.45 11.24
CA LEU A 236 9.91 -16.07 10.26
C LEU A 236 11.11 -15.34 10.91
N ASN A 237 10.93 -14.88 12.15
CA ASN A 237 11.97 -14.11 12.85
C ASN A 237 13.10 -14.94 13.46
N ASN A 238 12.94 -16.26 13.49
CA ASN A 238 13.97 -17.11 14.10
C ASN A 238 15.28 -17.02 13.32
N LYS A 239 16.39 -17.07 14.04
CA LYS A 239 17.67 -16.67 13.49
C LYS A 239 18.26 -17.67 12.48
N ASN A 240 17.73 -18.89 12.47
CA ASN A 240 18.24 -19.93 11.58
C ASN A 240 17.62 -19.86 10.19
N PRO A 241 18.46 -19.73 9.15
CA PRO A 241 18.05 -19.63 7.74
C PRO A 241 17.17 -20.80 7.25
N ARG A 242 17.45 -22.00 7.72
CA ARG A 242 16.67 -23.17 7.32
C ARG A 242 15.24 -23.09 7.87
N THR A 243 15.11 -22.57 9.08
CA THR A 243 13.81 -22.40 9.74
C THR A 243 12.94 -21.42 8.97
N LYS A 244 13.53 -20.28 8.60
CA LYS A 244 12.86 -19.26 7.82
C LYS A 244 12.29 -19.86 6.55
N ALA A 245 13.12 -20.59 5.82
CA ALA A 245 12.72 -21.18 4.54
C ALA A 245 11.50 -22.11 4.70
N LEU A 246 11.47 -22.89 5.77
CA LEU A 246 10.34 -23.76 6.07
C LEU A 246 9.03 -22.99 6.32
N VAL A 247 9.13 -21.87 7.03
CA VAL A 247 7.96 -21.05 7.27
C VAL A 247 7.41 -20.56 5.94
N LEU A 248 8.29 -20.10 5.04
CA LEU A 248 7.82 -19.56 3.77
C LEU A 248 7.21 -20.60 2.84
N GLU A 249 7.78 -21.80 2.78
CA GLU A 249 7.16 -22.86 1.99
C GLU A 249 5.78 -23.19 2.57
N LEU A 250 5.68 -23.21 3.89
CA LEU A 250 4.42 -23.54 4.54
C LEU A 250 3.36 -22.49 4.26
N LEU A 251 3.65 -21.23 4.60
CA LEU A 251 2.73 -20.13 4.38
C LEU A 251 2.40 -20.01 2.90
N ALA A 252 3.35 -20.39 2.05
CA ALA A 252 3.11 -20.39 0.61
C ALA A 252 2.01 -21.38 0.31
N ALA A 253 2.04 -22.54 0.96
CA ALA A 253 1.09 -23.61 0.70
C ALA A 253 -0.34 -23.25 1.11
N VAL A 254 -0.50 -22.73 2.32
CA VAL A 254 -1.80 -22.28 2.84
C VAL A 254 -2.38 -21.18 1.95
N CYS A 255 -1.49 -20.47 1.28
CA CYS A 255 -1.87 -19.36 0.43
C CYS A 255 -2.65 -19.77 -0.82
N LEU A 256 -2.41 -20.96 -1.37
CA LEU A 256 -3.03 -21.27 -2.65
C LEU A 256 -4.40 -21.93 -2.55
N VAL A 257 -4.74 -22.48 -1.39
CA VAL A 257 -6.07 -23.06 -1.22
C VAL A 257 -7.17 -21.99 -1.24
N ARG A 258 -8.38 -22.39 -1.62
CA ARG A 258 -9.48 -21.45 -1.82
C ARG A 258 -9.77 -20.69 -0.53
N GLY A 259 -9.76 -19.36 -0.62
CA GLY A 259 -10.00 -18.51 0.52
C GLY A 259 -8.81 -18.41 1.45
N GLY A 260 -7.79 -19.20 1.18
CA GLY A 260 -6.60 -19.23 2.00
C GLY A 260 -5.71 -18.02 1.84
N HIS A 261 -5.90 -17.27 0.75
CA HIS A 261 -5.05 -16.12 0.47
C HIS A 261 -5.21 -14.99 1.48
N ASP A 262 -6.43 -14.76 1.95
CA ASP A 262 -6.67 -13.63 2.83
C ASP A 262 -6.15 -13.88 4.23
N ILE A 263 -5.97 -15.16 4.55
CA ILE A 263 -5.53 -15.54 5.88
C ILE A 263 -4.04 -15.24 6.01
N ILE A 264 -3.29 -15.45 4.93
CA ILE A 264 -1.86 -15.15 4.90
C ILE A 264 -1.58 -13.65 5.04
N LEU A 265 -2.36 -12.82 4.36
CA LEU A 265 -2.20 -11.37 4.46
C LEU A 265 -2.53 -10.88 5.87
N ALA A 266 -3.63 -11.36 6.42
CA ALA A 266 -4.05 -10.96 7.77
C ALA A 266 -3.00 -11.35 8.80
N ALA A 267 -2.21 -12.38 8.47
CA ALA A 267 -1.16 -12.86 9.35
C ALA A 267 -0.01 -11.88 9.33
N PHE A 268 0.27 -11.33 8.15
CA PHE A 268 1.33 -10.35 7.99
C PHE A 268 0.87 -8.99 8.49
N ASP A 269 -0.44 -8.78 8.50
CA ASP A 269 -1.00 -7.57 9.09
C ASP A 269 -0.76 -7.58 10.60
N ASN A 270 -1.10 -8.69 11.24
CA ASN A 270 -0.75 -8.89 12.63
C ASN A 270 0.76 -8.79 12.79
N PHE A 271 1.48 -9.36 11.83
CA PHE A 271 2.94 -9.36 11.85
C PHE A 271 3.49 -7.93 11.80
N LYS A 272 2.73 -7.03 11.18
CA LYS A 272 3.20 -5.66 11.01
C LYS A 272 3.27 -4.95 12.36
N GLU A 273 2.21 -5.11 13.14
CA GLU A 273 2.09 -4.41 14.42
C GLU A 273 2.96 -5.05 15.50
N VAL A 274 2.96 -6.37 15.58
CA VAL A 274 3.67 -7.05 16.65
C VAL A 274 5.17 -6.88 16.52
N CYS A 275 5.64 -6.61 15.31
CA CYS A 275 7.07 -6.40 15.11
C CYS A 275 7.36 -4.92 15.04
N GLY A 276 6.31 -4.11 14.93
CA GLY A 276 6.49 -2.68 14.86
C GLY A 276 7.14 -2.29 13.56
N GLU A 277 6.54 -2.67 12.45
CA GLU A 277 7.13 -2.34 11.16
C GLU A 277 6.22 -1.42 10.37
N GLN A 278 6.81 -0.66 9.45
CA GLN A 278 6.10 0.40 8.75
C GLN A 278 5.07 -0.14 7.77
N HIS A 279 5.56 -0.89 6.78
CA HIS A 279 4.72 -1.45 5.73
C HIS A 279 4.53 -2.94 5.84
N ARG A 280 3.56 -3.46 5.12
CA ARG A 280 3.30 -4.87 5.19
C ARG A 280 4.55 -5.53 4.71
N PHE A 281 4.88 -6.64 5.32
CA PHE A 281 6.13 -7.29 5.00
C PHE A 281 7.18 -6.29 5.33
N GLU A 282 8.13 -6.17 4.43
CA GLU A 282 9.19 -5.21 4.58
C GLU A 282 10.18 -5.74 5.56
N LYS A 283 9.88 -6.92 6.09
CA LYS A 283 10.75 -7.53 7.08
C LYS A 283 11.09 -8.81 6.37
N LEU A 284 10.14 -9.23 5.54
CA LEU A 284 10.32 -10.30 4.59
C LEU A 284 11.38 -9.85 3.63
N MET A 285 11.18 -8.64 3.11
CA MET A 285 12.12 -8.04 2.18
C MET A 285 13.53 -7.91 2.72
N GLU A 286 13.67 -7.63 4.01
CA GLU A 286 15.01 -7.48 4.57
C GLU A 286 15.77 -8.80 4.68
N TYR A 287 15.13 -9.84 5.21
CA TYR A 287 15.78 -11.15 5.29
C TYR A 287 16.15 -11.65 3.89
N PHE A 288 15.28 -11.37 2.92
CA PHE A 288 15.54 -11.77 1.54
C PHE A 288 16.68 -10.95 0.94
N ARG A 289 16.67 -9.65 1.22
CA ARG A 289 17.65 -8.73 0.64
C ARG A 289 19.06 -8.90 1.19
N ASN A 290 19.22 -8.70 2.50
CA ASN A 290 20.55 -8.49 3.07
C ASN A 290 21.33 -9.78 3.36
N GLU A 291 20.68 -10.93 3.23
CA GLU A 291 21.38 -12.19 3.41
C GLU A 291 21.62 -12.89 2.07
N ASP A 292 22.90 -13.14 1.75
CA ASP A 292 23.25 -13.85 0.53
C ASP A 292 23.87 -15.21 0.86
N SER A 293 23.78 -15.61 2.12
CA SER A 293 24.48 -16.81 2.58
C SER A 293 23.85 -18.12 2.09
N ASN A 294 22.55 -18.32 2.36
CA ASN A 294 21.88 -19.57 2.04
C ASN A 294 21.16 -19.55 0.70
N ILE A 295 21.47 -20.52 -0.16
CA ILE A 295 20.85 -20.58 -1.48
C ILE A 295 19.41 -21.08 -1.43
N ASP A 296 19.18 -22.14 -0.65
CA ASP A 296 17.86 -22.80 -0.64
C ASP A 296 16.75 -21.97 0.01
N PHE A 297 17.13 -21.05 0.89
CA PHE A 297 16.16 -20.13 1.51
C PHE A 297 15.49 -19.19 0.51
N MET A 298 16.31 -18.50 -0.26
CA MET A 298 15.83 -17.51 -1.21
C MET A 298 14.91 -18.12 -2.25
N VAL A 299 15.21 -19.35 -2.64
CA VAL A 299 14.41 -20.06 -3.62
C VAL A 299 12.96 -20.15 -3.15
N ALA A 300 12.77 -20.63 -1.93
CA ALA A 300 11.44 -20.73 -1.34
C ALA A 300 10.86 -19.35 -1.05
N CYS A 301 11.76 -18.40 -0.77
CA CYS A 301 11.36 -17.04 -0.50
C CYS A 301 10.81 -16.36 -1.74
N MET A 302 11.61 -16.37 -2.80
CA MET A 302 11.24 -15.76 -4.07
C MET A 302 9.97 -16.33 -4.68
N GLN A 303 9.75 -17.62 -4.47
CA GLN A 303 8.55 -18.25 -5.01
C GLN A 303 7.33 -17.90 -4.17
N PHE A 304 7.53 -17.61 -2.90
CA PHE A 304 6.42 -17.15 -2.07
C PHE A 304 5.91 -15.80 -2.55
N ILE A 305 6.83 -14.92 -2.91
CA ILE A 305 6.49 -13.60 -3.41
C ILE A 305 5.79 -13.73 -4.75
N ASN A 306 6.33 -14.60 -5.61
CA ASN A 306 5.73 -14.88 -6.92
C ASN A 306 4.30 -15.36 -6.76
N ILE A 307 4.06 -16.12 -5.69
CA ILE A 307 2.72 -16.62 -5.41
C ILE A 307 1.79 -15.51 -4.94
N VAL A 308 2.22 -14.80 -3.90
CA VAL A 308 1.36 -13.83 -3.22
C VAL A 308 0.85 -12.72 -4.15
N VAL A 309 1.55 -12.48 -5.25
CA VAL A 309 1.24 -11.38 -6.15
C VAL A 309 0.36 -11.76 -7.34
N HIS A 310 0.60 -12.91 -7.95
CA HIS A 310 -0.01 -13.22 -9.23
C HIS A 310 -1.12 -14.27 -9.16
N SER A 311 -1.36 -14.78 -7.97
CA SER A 311 -2.38 -15.79 -7.75
C SER A 311 -3.78 -15.20 -7.61
N VAL A 312 -3.85 -13.88 -7.51
CA VAL A 312 -5.08 -13.20 -7.17
C VAL A 312 -6.19 -13.27 -8.23
N GLU A 313 -7.43 -13.29 -7.75
CA GLU A 313 -8.63 -13.22 -8.57
C GLU A 313 -8.65 -11.92 -9.38
N ASN A 314 -8.73 -10.80 -8.67
CA ASN A 314 -8.79 -9.46 -9.24
C ASN A 314 -7.40 -8.97 -9.67
N MET A 315 -7.30 -8.46 -10.89
CA MET A 315 -6.00 -8.07 -11.42
C MET A 315 -5.66 -6.62 -11.10
N ASN A 316 -6.65 -5.87 -10.64
CA ASN A 316 -6.39 -4.55 -10.11
C ASN A 316 -5.68 -4.70 -8.78
N PHE A 317 -6.02 -5.76 -8.05
CA PHE A 317 -5.37 -6.08 -6.78
C PHE A 317 -3.96 -6.64 -6.99
N ARG A 318 -3.77 -7.35 -8.10
CA ARG A 318 -2.46 -7.92 -8.41
C ARG A 318 -1.42 -6.81 -8.61
N VAL A 319 -1.77 -5.81 -9.42
CA VAL A 319 -0.87 -4.72 -9.71
C VAL A 319 -0.69 -3.82 -8.49
N PHE A 320 -1.69 -3.83 -7.61
CA PHE A 320 -1.58 -3.16 -6.32
C PHE A 320 -0.45 -3.83 -5.56
N LEU A 321 -0.47 -5.16 -5.57
CA LEU A 321 0.51 -5.96 -4.87
C LEU A 321 1.89 -5.90 -5.49
N GLN A 322 1.97 -5.88 -6.82
CA GLN A 322 3.26 -5.77 -7.47
C GLN A 322 3.95 -4.48 -7.06
N TYR A 323 3.18 -3.41 -6.94
CA TYR A 323 3.74 -2.12 -6.55
C TYR A 323 4.15 -2.17 -5.08
N GLU A 324 3.34 -2.90 -4.29
CA GLU A 324 3.58 -3.03 -2.86
C GLU A 324 4.98 -3.58 -2.61
N PHE A 325 5.42 -4.48 -3.47
CA PHE A 325 6.75 -5.05 -3.38
C PHE A 325 7.78 -4.17 -4.10
N THR A 326 7.37 -3.64 -5.24
CA THR A 326 8.20 -2.72 -6.03
C THR A 326 8.65 -1.53 -5.19
N HIS A 327 7.70 -0.96 -4.45
CA HIS A 327 8.00 0.15 -3.57
C HIS A 327 9.00 -0.27 -2.50
N LEU A 328 8.93 -1.53 -2.08
CA LEU A 328 9.82 -2.06 -1.06
C LEU A 328 11.17 -2.45 -1.65
N GLY A 329 11.39 -2.05 -2.90
CA GLY A 329 12.67 -2.22 -3.58
C GLY A 329 12.97 -3.62 -4.11
N LEU A 330 11.92 -4.34 -4.49
CA LEU A 330 12.08 -5.68 -5.02
C LEU A 330 12.73 -5.67 -6.39
N ASP A 331 12.22 -4.82 -7.26
CA ASP A 331 12.61 -4.83 -8.67
C ASP A 331 14.07 -4.46 -8.93
N LEU A 332 14.61 -3.53 -8.15
CA LEU A 332 15.99 -3.13 -8.38
C LEU A 332 16.95 -4.11 -7.73
N TYR A 333 16.46 -4.83 -6.73
CA TYR A 333 17.26 -5.87 -6.10
C TYR A 333 17.29 -7.11 -6.98
N LEU A 334 16.16 -7.41 -7.63
CA LEU A 334 16.06 -8.59 -8.48
C LEU A 334 16.91 -8.50 -9.74
N GLU A 335 17.27 -7.29 -10.14
CA GLU A 335 18.12 -7.12 -11.30
C GLU A 335 19.55 -7.52 -10.95
N ARG A 336 19.93 -7.27 -9.69
CA ARG A 336 21.24 -7.66 -9.18
C ARG A 336 21.28 -9.16 -8.88
N LEU A 337 20.13 -9.70 -8.46
CA LEU A 337 20.03 -11.11 -8.08
C LEU A 337 19.81 -12.01 -9.30
N ARG A 338 19.56 -11.39 -10.46
CA ARG A 338 19.36 -12.14 -11.69
C ARG A 338 20.68 -12.71 -12.21
N LEU A 339 21.79 -12.31 -11.61
CA LEU A 339 23.09 -12.75 -12.09
C LEU A 339 23.41 -14.17 -11.65
N THR A 340 22.79 -14.62 -10.56
CA THR A 340 23.09 -15.95 -10.05
C THR A 340 22.55 -17.00 -11.03
N GLU A 341 23.30 -18.09 -11.19
CA GLU A 341 22.85 -19.17 -12.05
C GLU A 341 22.51 -20.39 -11.21
N SER A 342 22.21 -20.19 -9.93
CA SER A 342 21.61 -21.25 -9.15
C SER A 342 20.35 -21.54 -9.93
N ASP A 343 20.19 -22.80 -10.33
CA ASP A 343 19.14 -23.16 -11.28
C ASP A 343 17.74 -22.89 -10.77
N LYS A 344 17.49 -23.29 -9.53
CA LYS A 344 16.17 -23.11 -8.95
C LYS A 344 15.88 -21.61 -8.81
N LEU A 345 16.92 -20.82 -8.54
CA LEU A 345 16.78 -19.38 -8.37
C LEU A 345 16.65 -18.69 -9.72
N GLN A 346 17.46 -19.11 -10.68
CA GLN A 346 17.39 -18.55 -12.03
C GLN A 346 15.99 -18.79 -12.60
N VAL A 347 15.39 -19.91 -12.23
CA VAL A 347 14.05 -20.25 -12.70
C VAL A 347 12.97 -19.46 -11.94
N GLN A 348 13.16 -19.29 -10.64
CA GLN A 348 12.15 -18.60 -9.84
C GLN A 348 12.10 -17.10 -10.11
N ILE A 349 13.25 -16.51 -10.38
CA ILE A 349 13.33 -15.07 -10.67
C ILE A 349 12.69 -14.78 -12.02
N GLN A 350 13.12 -15.52 -13.03
CA GLN A 350 12.59 -15.36 -14.38
C GLN A 350 11.10 -15.73 -14.44
N ALA A 351 10.67 -16.59 -13.52
CA ALA A 351 9.25 -16.98 -13.47
C ALA A 351 8.41 -15.83 -12.98
N TYR A 352 8.97 -15.02 -12.10
CA TYR A 352 8.29 -13.84 -11.56
C TYR A 352 8.26 -12.69 -12.56
N LEU A 353 9.36 -12.54 -13.30
CA LEU A 353 9.50 -11.43 -14.23
C LEU A 353 8.62 -11.61 -15.46
N ASP A 354 8.24 -12.85 -15.74
CA ASP A 354 7.37 -13.14 -16.88
C ASP A 354 5.94 -12.79 -16.54
N ASN A 355 5.65 -12.73 -15.24
CA ASN A 355 4.30 -12.48 -14.77
C ASN A 355 4.01 -11.02 -14.44
N ILE A 356 5.03 -10.15 -14.50
CA ILE A 356 4.88 -8.76 -14.06
C ILE A 356 4.02 -7.94 -15.01
N PHE A 357 3.24 -7.02 -14.43
CA PHE A 357 2.33 -6.19 -15.22
C PHE A 357 2.79 -4.76 -15.43
N ASP A 358 2.41 -4.19 -16.57
CA ASP A 358 2.77 -2.83 -16.96
C ASP A 358 1.57 -2.17 -17.66
N VAL A 359 0.73 -1.50 -16.88
CA VAL A 359 -0.50 -0.93 -17.40
C VAL A 359 -0.19 0.07 -18.53
N GLY A 360 0.97 0.71 -18.44
CA GLY A 360 1.45 1.59 -19.48
C GLY A 360 1.52 0.88 -20.82
N ALA A 361 2.10 -0.32 -20.82
CA ALA A 361 2.24 -1.11 -22.04
C ALA A 361 0.89 -1.52 -22.64
N LEU A 362 -0.08 -1.83 -21.79
CA LEU A 362 -1.39 -2.28 -22.26
C LEU A 362 -2.15 -1.10 -22.86
N LEU A 363 -1.80 0.08 -22.39
CA LEU A 363 -2.45 1.33 -22.77
C LEU A 363 -1.94 1.90 -24.09
N GLU A 364 -0.66 1.68 -24.37
CA GLU A 364 -0.03 2.20 -25.58
C GLU A 364 -0.51 1.47 -26.83
N ASP A 365 -0.76 0.18 -26.72
CA ASP A 365 -1.20 -0.57 -27.88
C ASP A 365 -2.71 -0.63 -27.93
N THR A 366 -3.35 -0.11 -26.89
CA THR A 366 -4.72 0.36 -26.98
C THR A 366 -4.68 1.90 -27.05
N GLU A 367 -3.83 2.41 -27.93
CA GLU A 367 -3.62 3.86 -28.09
C GLU A 367 -4.85 4.69 -28.44
N THR A 368 -5.32 4.55 -29.67
CA THR A 368 -6.51 5.28 -30.10
C THR A 368 -7.16 4.70 -31.36
N LYS A 369 -8.43 5.03 -31.56
CA LYS A 369 -9.18 4.67 -32.78
C LYS A 369 -9.45 3.18 -32.96
N ASN A 370 -8.40 2.36 -32.85
CA ASN A 370 -8.49 0.95 -33.22
C ASN A 370 -8.92 0.94 -34.68
N ALA A 371 -8.24 1.79 -35.45
CA ALA A 371 -8.56 2.11 -36.84
C ALA A 371 -8.38 0.93 -37.78
N VAL A 372 -7.66 -0.08 -37.35
CA VAL A 372 -7.46 -1.26 -38.18
C VAL A 372 -8.74 -2.07 -38.26
N LEU A 373 -9.70 -1.75 -37.39
CA LEU A 373 -11.05 -2.33 -37.49
C LEU A 373 -11.67 -2.03 -38.85
N GLU A 374 -11.48 -0.79 -39.32
CA GLU A 374 -12.01 -0.39 -40.62
C GLU A 374 -11.02 -0.70 -41.73
N HIS A 375 -9.81 -1.10 -41.35
CA HIS A 375 -8.87 -1.67 -42.30
C HIS A 375 -9.23 -3.14 -42.46
N MET A 376 -9.81 -3.70 -41.40
CA MET A 376 -10.43 -5.02 -41.43
C MET A 376 -11.80 -4.97 -42.11
N GLU A 377 -12.46 -3.82 -42.06
CA GLU A 377 -13.72 -3.61 -42.76
C GLU A 377 -13.50 -3.42 -44.25
N GLU A 378 -12.35 -2.89 -44.62
CA GLU A 378 -11.97 -2.76 -46.03
C GLU A 378 -11.69 -4.17 -46.57
N LEU A 379 -11.24 -5.03 -45.66
CA LEU A 379 -11.00 -6.43 -46.00
C LEU A 379 -12.32 -7.19 -46.01
N GLN A 380 -13.22 -6.82 -45.11
CA GLN A 380 -14.55 -7.41 -45.02
C GLN A 380 -15.40 -7.05 -46.24
N GLU A 381 -15.16 -5.86 -46.79
CA GLU A 381 -15.85 -5.43 -47.99
C GLU A 381 -15.23 -6.09 -49.24
N GLN A 382 -13.96 -6.47 -49.13
CA GLN A 382 -13.21 -7.02 -50.27
C GLN A 382 -13.56 -8.47 -50.60
N VAL A 383 -13.70 -9.29 -49.57
CA VAL A 383 -14.12 -10.69 -49.72
C VAL A 383 -15.52 -10.80 -50.29
N ALA A 384 -16.37 -9.87 -49.88
CA ALA A 384 -17.75 -9.83 -50.33
C ALA A 384 -17.81 -9.54 -51.82
N LEU A 385 -17.13 -8.47 -52.22
CA LEU A 385 -17.07 -8.04 -53.61
C LEU A 385 -16.42 -9.10 -54.51
N LEU A 386 -15.31 -9.68 -54.03
CA LEU A 386 -14.66 -10.77 -54.75
C LEU A 386 -15.62 -11.94 -54.98
N THR A 387 -16.40 -12.25 -53.96
CA THR A 387 -17.37 -13.34 -54.03
C THR A 387 -18.53 -12.99 -54.95
N GLU A 388 -18.76 -11.69 -55.14
CA GLU A 388 -19.81 -11.23 -56.04
C GLU A 388 -19.41 -11.50 -57.49
N ARG A 389 -18.10 -11.52 -57.73
CA ARG A 389 -17.57 -11.79 -59.06
C ARG A 389 -17.43 -13.30 -59.34
N LEU A 390 -17.31 -14.09 -58.29
CA LEU A 390 -17.16 -15.54 -58.44
C LEU A 390 -18.50 -16.26 -58.64
N ARG A 391 -19.57 -15.66 -58.14
CA ARG A 391 -20.92 -16.21 -58.31
C ARG A 391 -21.46 -15.78 -59.67
N ASP A 392 -20.94 -14.68 -60.18
CA ASP A 392 -21.26 -14.18 -61.50
C ASP A 392 -20.50 -14.99 -62.54
N ALA A 393 -19.42 -15.62 -62.10
CA ALA A 393 -18.63 -16.50 -62.95
C ALA A 393 -19.35 -17.83 -63.14
N GLU A 394 -20.12 -18.22 -62.13
CA GLU A 394 -20.96 -19.41 -62.23
C GLU A 394 -22.11 -19.12 -63.19
N ASN A 395 -22.40 -17.83 -63.37
CA ASN A 395 -23.46 -17.41 -64.28
C ASN A 395 -22.96 -17.26 -65.71
N GLU A 396 -21.71 -16.82 -65.87
CA GLU A 396 -21.13 -16.74 -67.20
C GLU A 396 -20.85 -18.15 -67.72
N SER A 397 -20.62 -19.08 -66.79
CA SER A 397 -20.42 -20.49 -67.13
C SER A 397 -21.69 -21.08 -67.74
N MET B 3 19.25 -72.32 13.93
CA MET B 3 19.32 -71.22 12.99
C MET B 3 19.20 -69.84 13.68
N GLN B 4 20.15 -68.96 13.39
CA GLN B 4 20.09 -67.60 13.90
C GLN B 4 20.30 -66.68 12.71
N THR B 5 19.78 -65.46 12.80
CA THR B 5 19.85 -64.50 11.69
C THR B 5 20.11 -63.08 12.15
N ILE B 6 20.77 -62.30 11.30
CA ILE B 6 21.11 -60.91 11.60
C ILE B 6 20.37 -59.95 10.68
N LYS B 7 19.38 -59.24 11.25
CA LYS B 7 18.58 -58.30 10.48
C LYS B 7 19.24 -56.93 10.37
N CYS B 8 19.35 -56.44 9.15
CA CYS B 8 19.93 -55.13 8.87
C CYS B 8 19.05 -54.29 7.97
N VAL B 9 18.66 -53.11 8.44
CA VAL B 9 17.79 -52.21 7.69
C VAL B 9 18.56 -50.99 7.18
N VAL B 10 18.38 -50.69 5.90
CA VAL B 10 18.99 -49.53 5.24
C VAL B 10 18.01 -48.37 5.05
N VAL B 11 18.27 -47.25 5.71
CA VAL B 11 17.45 -46.05 5.54
C VAL B 11 18.26 -44.88 4.96
N GLY B 12 17.56 -43.86 4.46
CA GLY B 12 18.24 -42.69 3.91
C GLY B 12 17.38 -41.99 2.88
N ASP B 13 17.73 -40.75 2.57
CA ASP B 13 16.99 -39.95 1.59
C ASP B 13 16.88 -40.60 0.23
N GLY B 14 15.83 -40.21 -0.50
CA GLY B 14 15.60 -40.72 -1.84
C GLY B 14 16.73 -40.39 -2.79
N ALA B 15 17.04 -41.35 -3.67
CA ALA B 15 18.07 -41.20 -4.68
C ALA B 15 19.42 -40.87 -4.05
N VAL B 16 19.68 -41.48 -2.90
CA VAL B 16 20.98 -41.37 -2.26
C VAL B 16 21.87 -42.53 -2.71
N GLY B 17 21.21 -43.59 -3.17
CA GLY B 17 21.90 -44.75 -3.70
C GLY B 17 21.87 -45.96 -2.78
N LYS B 18 20.80 -46.09 -2.00
CA LYS B 18 20.67 -47.20 -1.07
C LYS B 18 20.55 -48.53 -1.79
N THR B 19 19.67 -48.58 -2.79
CA THR B 19 19.35 -49.83 -3.46
C THR B 19 20.54 -50.30 -4.29
N CYS B 20 21.23 -49.35 -4.92
CA CYS B 20 22.45 -49.68 -5.68
C CYS B 20 23.52 -50.21 -4.74
N LEU B 21 23.53 -49.69 -3.51
CA LEU B 21 24.45 -50.14 -2.49
C LEU B 21 24.22 -51.61 -2.13
N LEU B 22 22.96 -52.03 -2.13
CA LEU B 22 22.60 -53.40 -1.76
C LEU B 22 22.68 -54.37 -2.94
N ILE B 23 22.56 -53.85 -4.15
CA ILE B 23 22.52 -54.71 -5.33
C ILE B 23 23.93 -54.88 -5.88
N SER B 24 24.75 -53.84 -5.77
CA SER B 24 26.15 -53.95 -6.19
C SER B 24 26.99 -54.64 -5.10
N TYR B 25 26.36 -55.08 -4.03
CA TYR B 25 27.05 -55.86 -3.00
C TYR B 25 26.75 -57.35 -3.11
N THR B 26 25.45 -57.69 -3.12
CA THR B 26 25.00 -59.07 -3.18
C THR B 26 25.34 -59.70 -4.53
N THR B 27 25.13 -58.92 -5.59
CA THR B 27 25.55 -59.30 -6.93
C THR B 27 26.63 -58.28 -7.33
N ASN B 28 27.44 -58.60 -8.32
CA ASN B 28 28.48 -57.67 -8.69
C ASN B 28 28.11 -56.85 -9.91
N LYS B 29 26.81 -56.84 -10.21
CA LYS B 29 26.27 -56.05 -11.29
C LYS B 29 25.72 -54.73 -10.76
N PHE B 30 26.22 -53.63 -11.31
CA PHE B 30 25.75 -52.30 -10.91
C PHE B 30 24.62 -51.78 -11.79
N PRO B 31 23.42 -51.63 -11.21
CA PRO B 31 22.28 -51.12 -11.98
C PRO B 31 22.35 -49.61 -12.21
N SER B 32 21.98 -49.16 -13.41
CA SER B 32 21.87 -47.73 -13.73
C SER B 32 20.41 -47.28 -13.55
N GLU B 33 19.51 -48.21 -13.85
CA GLU B 33 18.06 -48.00 -13.84
C GLU B 33 17.59 -47.47 -12.49
N TYR B 34 16.80 -46.40 -12.51
CA TYR B 34 16.26 -45.86 -11.27
C TYR B 34 14.86 -46.36 -10.97
N VAL B 35 14.75 -47.12 -9.87
CA VAL B 35 13.46 -47.55 -9.39
C VAL B 35 13.29 -47.04 -7.97
N PRO B 36 12.22 -46.28 -7.72
CA PRO B 36 11.88 -45.85 -6.36
C PRO B 36 11.34 -47.03 -5.57
N THR B 37 12.13 -47.56 -4.64
CA THR B 37 11.74 -48.76 -3.93
C THR B 37 10.75 -48.47 -2.80
N VAL B 38 9.68 -49.25 -2.74
CA VAL B 38 8.63 -49.05 -1.75
C VAL B 38 9.08 -49.79 -0.49
N PHE B 39 9.35 -51.09 -0.65
CA PHE B 39 10.11 -51.87 0.32
C PHE B 39 10.56 -53.13 -0.39
N ASP B 40 11.67 -53.72 0.05
CA ASP B 40 12.18 -54.96 -0.53
C ASP B 40 12.98 -55.75 0.50
N ASN B 41 13.29 -56.99 0.14
CA ASN B 41 13.89 -57.93 1.05
C ASN B 41 15.00 -58.73 0.35
N TYR B 42 16.14 -58.86 1.01
CA TYR B 42 17.22 -59.68 0.49
C TYR B 42 17.81 -60.59 1.57
N ALA B 43 18.30 -61.76 1.16
CA ALA B 43 18.90 -62.69 2.12
C ALA B 43 20.16 -63.36 1.57
N VAL B 44 21.25 -63.25 2.32
CA VAL B 44 22.52 -63.85 1.94
C VAL B 44 23.14 -64.50 3.17
N THR B 45 23.66 -65.71 3.03
CA THR B 45 24.28 -66.39 4.16
C THR B 45 25.76 -66.02 4.27
N VAL B 46 26.12 -65.52 5.46
CA VAL B 46 27.47 -65.09 5.77
C VAL B 46 27.95 -65.85 6.99
N MET B 47 29.23 -66.22 6.99
CA MET B 47 29.73 -67.06 8.05
C MET B 47 30.58 -66.27 9.03
N ILE B 48 30.25 -66.43 10.32
CA ILE B 48 30.93 -65.75 11.40
C ILE B 48 31.52 -66.75 12.38
N GLY B 49 32.86 -66.73 12.48
CA GLY B 49 33.56 -67.65 13.35
C GLY B 49 33.28 -69.08 12.95
N GLY B 50 33.10 -69.30 11.65
CA GLY B 50 32.82 -70.63 11.13
C GLY B 50 31.42 -71.12 11.43
N GLU B 51 30.48 -70.20 11.57
CA GLU B 51 29.08 -70.54 11.79
C GLU B 51 28.18 -69.78 10.81
N PRO B 52 27.25 -70.50 10.17
CA PRO B 52 26.40 -69.91 9.14
C PRO B 52 25.26 -69.08 9.74
N TYR B 53 25.36 -67.76 9.59
CA TYR B 53 24.30 -66.84 9.96
C TYR B 53 23.63 -66.36 8.68
N THR B 54 22.31 -66.16 8.73
CA THR B 54 21.59 -65.65 7.57
C THR B 54 21.38 -64.15 7.66
N LEU B 55 22.02 -63.41 6.75
CA LEU B 55 22.01 -61.95 6.81
C LEU B 55 20.82 -61.35 6.09
N GLY B 56 19.95 -60.70 6.86
CA GLY B 56 18.78 -60.03 6.31
C GLY B 56 19.03 -58.59 5.91
N LEU B 57 18.78 -58.27 4.64
CA LEU B 57 18.92 -56.89 4.18
C LEU B 57 17.57 -56.33 3.74
N PHE B 58 17.13 -55.28 4.43
CA PHE B 58 15.86 -54.65 4.13
C PHE B 58 16.08 -53.28 3.50
N ASP B 59 15.48 -53.08 2.33
CA ASP B 59 15.60 -51.82 1.61
C ASP B 59 14.30 -51.03 1.79
N THR B 60 14.42 -49.79 2.22
CA THR B 60 13.25 -48.97 2.54
C THR B 60 13.09 -47.76 1.63
N ALA B 61 11.93 -47.12 1.69
CA ALA B 61 11.65 -45.98 0.82
C ALA B 61 12.27 -44.68 1.34
N GLY B 62 12.68 -43.84 0.39
CA GLY B 62 13.26 -42.55 0.73
C GLY B 62 12.24 -41.43 0.64
N GLN B 63 11.34 -41.53 -0.33
CA GLN B 63 10.34 -40.49 -0.58
C GLN B 63 9.44 -40.31 0.65
N GLU B 64 9.10 -39.06 0.94
CA GLU B 64 8.35 -38.73 2.15
C GLU B 64 6.90 -39.20 2.08
N ASP B 65 6.49 -39.74 0.94
CA ASP B 65 5.14 -40.26 0.78
C ASP B 65 4.95 -41.55 1.57
N TYR B 66 6.03 -42.33 1.68
CA TYR B 66 5.96 -43.62 2.35
C TYR B 66 6.41 -43.55 3.82
N ASP B 67 6.39 -42.34 4.38
CA ASP B 67 6.78 -42.13 5.77
C ASP B 67 5.99 -42.96 6.76
N ARG B 68 4.73 -43.23 6.43
CA ARG B 68 3.87 -44.02 7.30
C ARG B 68 3.94 -45.51 6.96
N LEU B 69 4.52 -45.81 5.81
CA LEU B 69 4.62 -47.18 5.33
C LEU B 69 5.96 -47.80 5.77
N ARG B 70 7.01 -47.00 5.69
CA ARG B 70 8.38 -47.44 6.00
C ARG B 70 8.60 -48.13 7.36
N PRO B 71 8.00 -47.61 8.46
CA PRO B 71 8.32 -48.19 9.78
C PRO B 71 7.79 -49.61 10.05
N LEU B 72 7.26 -50.27 9.03
CA LEU B 72 6.81 -51.64 9.22
C LEU B 72 7.99 -52.59 9.12
N SER B 73 9.09 -52.09 8.55
CA SER B 73 10.30 -52.88 8.35
C SER B 73 11.22 -52.82 9.56
N TYR B 74 10.92 -51.87 10.45
CA TYR B 74 11.76 -51.63 11.63
C TYR B 74 11.75 -52.67 12.76
N PRO B 75 10.58 -53.28 13.08
CA PRO B 75 10.60 -54.14 14.28
C PRO B 75 11.62 -55.26 14.22
N GLN B 76 12.29 -55.49 15.35
CA GLN B 76 13.34 -56.51 15.51
C GLN B 76 14.56 -56.27 14.61
N THR B 77 14.95 -55.01 14.49
CA THR B 77 16.13 -54.65 13.71
C THR B 77 17.36 -54.71 14.62
N ASP B 78 18.39 -55.41 14.15
CA ASP B 78 19.60 -55.61 14.95
C ASP B 78 20.66 -54.52 14.74
N VAL B 79 20.68 -53.94 13.55
CA VAL B 79 21.61 -52.87 13.22
C VAL B 79 21.11 -52.05 12.03
N PHE B 80 21.24 -50.73 12.12
CA PHE B 80 20.79 -49.84 11.06
C PHE B 80 21.92 -49.28 10.21
N LEU B 81 21.59 -48.97 8.95
CA LEU B 81 22.51 -48.25 8.09
C LEU B 81 21.88 -46.91 7.67
N VAL B 82 22.35 -45.83 8.28
CA VAL B 82 21.84 -44.49 7.99
C VAL B 82 22.67 -43.78 6.93
N CYS B 83 22.05 -43.46 5.80
CA CYS B 83 22.81 -43.01 4.63
C CYS B 83 22.54 -41.58 4.17
N PHE B 84 23.62 -40.96 3.67
CA PHE B 84 23.59 -39.66 3.03
C PHE B 84 24.59 -39.71 1.89
N SER B 85 24.49 -38.77 0.95
CA SER B 85 25.48 -38.72 -0.12
C SER B 85 26.53 -37.66 0.17
N VAL B 86 27.77 -37.95 -0.17
CA VAL B 86 28.86 -37.02 0.09
C VAL B 86 28.79 -35.84 -0.87
N VAL B 87 28.02 -35.98 -1.96
CA VAL B 87 27.89 -34.90 -2.92
C VAL B 87 26.52 -34.23 -2.87
N SER B 88 25.75 -34.54 -1.83
CA SER B 88 24.47 -33.87 -1.64
C SER B 88 24.24 -33.54 -0.16
N PRO B 89 24.65 -32.33 0.25
CA PRO B 89 24.50 -31.86 1.64
C PRO B 89 23.04 -31.87 2.11
N SER B 90 22.12 -31.77 1.16
CA SER B 90 20.71 -31.92 1.44
C SER B 90 20.50 -33.25 2.16
N SER B 91 21.02 -34.31 1.56
CA SER B 91 20.99 -35.64 2.15
C SER B 91 21.68 -35.66 3.51
N PHE B 92 22.68 -34.80 3.65
CA PHE B 92 23.48 -34.76 4.88
C PHE B 92 22.68 -34.29 6.09
N GLU B 93 21.97 -33.17 5.97
CA GLU B 93 21.33 -32.61 7.16
C GLU B 93 20.03 -33.30 7.53
N ASN B 94 19.48 -34.06 6.59
CA ASN B 94 18.33 -34.93 6.89
C ASN B 94 18.70 -36.12 7.76
N VAL B 95 20.00 -36.33 7.95
CA VAL B 95 20.43 -37.39 8.83
C VAL B 95 20.04 -37.01 10.26
N LYS B 96 20.26 -35.75 10.63
CA LYS B 96 19.93 -35.31 11.98
C LYS B 96 18.48 -34.83 12.18
N GLU B 97 17.88 -34.19 11.19
CA GLU B 97 16.53 -33.69 11.39
C GLU B 97 15.48 -34.76 11.10
N LYS B 98 15.79 -35.68 10.19
CA LYS B 98 14.82 -36.70 9.84
C LYS B 98 15.26 -38.10 10.31
N TRP B 99 16.31 -38.65 9.71
CA TRP B 99 16.60 -40.09 9.82
C TRP B 99 17.03 -40.64 11.19
N VAL B 100 18.12 -40.16 11.75
CA VAL B 100 18.58 -40.69 13.04
C VAL B 100 17.52 -40.58 14.15
N PRO B 101 16.85 -39.42 14.29
CA PRO B 101 15.78 -39.39 15.31
C PRO B 101 14.60 -40.30 15.00
N GLU B 102 14.43 -40.67 13.74
CA GLU B 102 13.35 -41.56 13.37
C GLU B 102 13.64 -42.98 13.83
N ILE B 103 14.86 -43.46 13.59
CA ILE B 103 15.19 -44.83 13.96
C ILE B 103 15.32 -44.97 15.46
N THR B 104 15.67 -43.89 16.16
CA THR B 104 15.81 -43.96 17.62
C THR B 104 14.50 -43.76 18.38
N HIS B 105 13.44 -43.40 17.66
CA HIS B 105 12.12 -43.29 18.27
C HIS B 105 11.54 -44.71 18.35
N HIS B 106 11.60 -45.42 17.23
CA HIS B 106 10.92 -46.70 17.10
C HIS B 106 11.75 -47.83 17.67
N CYS B 107 13.06 -47.71 17.50
CA CYS B 107 13.94 -48.74 18.01
C CYS B 107 15.11 -48.14 18.77
N PRO B 108 14.85 -47.63 19.99
CA PRO B 108 15.93 -47.09 20.81
C PRO B 108 16.85 -48.19 21.28
N LYS B 109 18.08 -47.82 21.62
CA LYS B 109 19.10 -48.78 22.05
C LYS B 109 19.37 -49.86 20.99
N THR B 110 19.24 -49.48 19.72
CA THR B 110 19.64 -50.34 18.62
C THR B 110 20.74 -49.65 17.84
N PRO B 111 21.93 -50.25 17.77
CA PRO B 111 23.12 -49.66 17.12
C PRO B 111 22.91 -49.38 15.63
N PHE B 112 23.60 -48.35 15.13
CA PHE B 112 23.51 -47.97 13.73
C PHE B 112 24.82 -47.42 13.21
N LEU B 113 25.04 -47.56 11.90
CA LEU B 113 26.24 -47.02 11.28
C LEU B 113 25.91 -45.78 10.47
N LEU B 114 26.85 -44.84 10.41
CA LEU B 114 26.71 -43.70 9.52
C LEU B 114 27.44 -43.98 8.21
N VAL B 115 26.70 -43.99 7.10
CA VAL B 115 27.28 -44.42 5.83
C VAL B 115 27.15 -43.36 4.73
N GLY B 116 28.28 -42.86 4.26
CA GLY B 116 28.28 -41.94 3.14
C GLY B 116 28.41 -42.71 1.84
N THR B 117 27.62 -42.34 0.84
CA THR B 117 27.67 -43.05 -0.43
C THR B 117 28.14 -42.16 -1.57
N GLN B 118 28.44 -42.79 -2.70
CA GLN B 118 28.87 -42.11 -3.92
C GLN B 118 30.19 -41.32 -3.75
N ILE B 119 31.25 -42.00 -3.31
CA ILE B 119 32.54 -41.34 -3.10
C ILE B 119 33.22 -40.91 -4.41
N ASP B 120 32.89 -41.59 -5.49
CA ASP B 120 33.54 -41.36 -6.78
C ASP B 120 33.29 -39.97 -7.37
N LEU B 121 32.20 -39.32 -6.94
CA LEU B 121 31.85 -38.01 -7.47
C LEU B 121 32.45 -36.87 -6.64
N ARG B 122 33.21 -37.20 -5.61
CA ARG B 122 33.83 -36.19 -4.77
C ARG B 122 34.89 -35.40 -5.53
N ASP B 123 35.41 -36.00 -6.60
CA ASP B 123 36.41 -35.37 -7.45
C ASP B 123 35.92 -35.06 -8.86
N ASP B 124 34.74 -35.57 -9.22
CA ASP B 124 34.18 -35.32 -10.54
C ASP B 124 33.88 -33.83 -10.73
N PRO B 125 34.35 -33.25 -11.83
CA PRO B 125 34.18 -31.83 -12.16
C PRO B 125 32.71 -31.37 -12.20
N SER B 126 31.85 -32.13 -12.86
CA SER B 126 30.47 -31.72 -13.06
C SER B 126 29.69 -31.75 -11.76
N THR B 127 30.15 -32.54 -10.81
CA THR B 127 29.53 -32.56 -9.50
C THR B 127 30.12 -31.47 -8.61
N ILE B 128 31.39 -31.17 -8.83
CA ILE B 128 32.02 -30.05 -8.15
C ILE B 128 31.37 -28.74 -8.56
N GLU B 129 31.21 -28.55 -9.87
CA GLU B 129 30.66 -27.31 -10.41
C GLU B 129 29.17 -27.13 -10.12
N LYS B 130 28.40 -28.20 -10.28
CA LYS B 130 26.96 -28.14 -10.01
C LYS B 130 26.72 -27.76 -8.54
N LEU B 131 27.58 -28.25 -7.67
CA LEU B 131 27.47 -27.98 -6.24
C LEU B 131 28.00 -26.60 -5.90
N ALA B 132 29.10 -26.22 -6.53
CA ALA B 132 29.72 -24.92 -6.27
C ALA B 132 28.86 -23.77 -6.80
N LYS B 133 28.02 -24.05 -7.80
CA LYS B 133 27.16 -23.02 -8.37
C LYS B 133 26.03 -22.61 -7.41
N ASN B 134 25.63 -23.54 -6.54
CA ASN B 134 24.65 -23.25 -5.50
C ASN B 134 25.34 -22.94 -4.18
N LYS B 135 26.59 -22.50 -4.26
CA LYS B 135 27.36 -22.12 -3.08
C LYS B 135 27.44 -23.26 -2.08
N GLN B 136 27.83 -24.43 -2.57
CA GLN B 136 28.10 -25.58 -1.72
C GLN B 136 29.35 -26.33 -2.13
N LYS B 137 29.80 -27.17 -1.22
CA LYS B 137 30.99 -27.98 -1.40
C LYS B 137 30.64 -29.38 -0.94
N PRO B 138 31.19 -30.41 -1.60
CA PRO B 138 30.94 -31.79 -1.17
C PRO B 138 31.39 -32.03 0.27
N ILE B 139 30.80 -33.04 0.92
CA ILE B 139 31.06 -33.31 2.33
C ILE B 139 32.42 -33.96 2.56
N THR B 140 33.27 -33.29 3.34
CA THR B 140 34.58 -33.82 3.67
C THR B 140 34.49 -35.00 4.61
N PRO B 141 35.47 -35.92 4.53
CA PRO B 141 35.52 -37.04 5.47
C PRO B 141 35.65 -36.57 6.90
N GLU B 142 36.24 -35.39 7.10
CA GLU B 142 36.41 -34.84 8.43
C GLU B 142 35.08 -34.43 9.03
N THR B 143 34.22 -33.84 8.21
CA THR B 143 32.94 -33.32 8.66
C THR B 143 31.94 -34.44 8.94
N ALA B 144 32.10 -35.58 8.25
CA ALA B 144 31.16 -36.68 8.44
C ALA B 144 31.40 -37.36 9.79
N GLU B 145 32.66 -37.50 10.18
CA GLU B 145 32.94 -38.02 11.51
C GLU B 145 32.95 -36.88 12.52
N LYS B 146 32.85 -35.66 12.01
CA LYS B 146 32.71 -34.59 12.94
C LYS B 146 31.35 -34.90 13.52
N LEU B 147 30.43 -35.16 12.61
CA LEU B 147 29.05 -35.48 12.94
C LEU B 147 28.75 -36.76 13.68
N ALA B 148 29.44 -37.82 13.34
CA ALA B 148 29.05 -39.12 13.85
C ALA B 148 29.10 -39.27 15.34
N ARG B 149 30.12 -38.73 15.96
CA ARG B 149 30.24 -38.89 17.39
C ARG B 149 29.08 -38.27 18.12
N ASP B 150 28.63 -37.13 17.64
CA ASP B 150 27.63 -36.36 18.34
C ASP B 150 26.31 -37.14 18.41
N LEU B 151 25.97 -37.80 17.31
CA LEU B 151 24.72 -38.54 17.19
C LEU B 151 24.78 -39.95 17.78
N LYS B 152 25.91 -40.27 18.41
CA LYS B 152 26.13 -41.57 19.04
C LYS B 152 26.11 -42.73 18.05
N ALA B 153 26.62 -42.49 16.84
CA ALA B 153 26.73 -43.56 15.85
C ALA B 153 27.87 -44.51 16.21
N VAL B 154 27.77 -45.74 15.72
CA VAL B 154 28.78 -46.76 16.01
C VAL B 154 30.10 -46.34 15.39
N LYS B 155 30.06 -46.08 14.09
CA LYS B 155 31.23 -45.65 13.35
C LYS B 155 30.78 -44.98 12.05
N TYR B 156 31.69 -44.27 11.40
CA TYR B 156 31.39 -43.75 10.08
C TYR B 156 32.22 -44.52 9.06
N VAL B 157 31.55 -45.14 8.10
CA VAL B 157 32.21 -45.83 7.01
C VAL B 157 31.64 -45.20 5.74
N GLU B 158 32.46 -45.11 4.70
CA GLU B 158 32.00 -44.52 3.45
C GLU B 158 32.23 -45.46 2.29
N CYS B 159 31.50 -45.23 1.21
CA CYS B 159 31.35 -46.25 0.19
C CYS B 159 30.96 -45.73 -1.20
N SER B 160 31.36 -46.46 -2.24
CA SER B 160 30.84 -46.21 -3.58
C SER B 160 30.38 -47.51 -4.24
N ALA B 161 29.12 -47.55 -4.66
CA ALA B 161 28.56 -48.75 -5.29
C ALA B 161 29.05 -48.93 -6.73
N LEU B 162 29.29 -47.82 -7.43
CA LEU B 162 29.73 -47.88 -8.82
C LEU B 162 31.10 -48.52 -8.90
N THR B 163 32.10 -47.90 -8.31
CA THR B 163 33.36 -48.58 -8.27
C THR B 163 33.23 -49.30 -6.96
N GLN B 164 33.05 -50.60 -7.01
CA GLN B 164 32.86 -51.25 -5.75
C GLN B 164 34.11 -50.80 -5.09
N ARG B 165 34.00 -50.31 -3.88
CA ARG B 165 35.20 -49.89 -3.12
C ARG B 165 34.93 -49.55 -1.68
N GLY B 166 35.62 -50.24 -0.76
CA GLY B 166 35.40 -50.08 0.67
C GLY B 166 33.96 -50.44 1.01
N LEU B 167 33.36 -51.16 0.08
CA LEU B 167 31.97 -51.59 0.13
C LEU B 167 31.80 -52.79 1.04
N LYS B 168 32.62 -53.82 0.84
CA LYS B 168 32.60 -55.00 1.69
C LYS B 168 32.82 -54.60 3.14
N ASN B 169 33.67 -53.60 3.33
CA ASN B 169 33.99 -53.10 4.66
C ASN B 169 32.80 -52.56 5.44
N VAL B 170 31.86 -51.92 4.73
CA VAL B 170 30.68 -51.36 5.38
C VAL B 170 29.87 -52.45 6.05
N PHE B 171 29.52 -53.46 5.27
CA PHE B 171 28.71 -54.56 5.75
C PHE B 171 29.46 -55.39 6.77
N ASP B 172 30.78 -55.43 6.69
CA ASP B 172 31.46 -56.16 7.73
C ASP B 172 31.27 -55.37 9.02
N GLU B 173 31.45 -54.05 8.96
CA GLU B 173 31.28 -53.24 10.15
C GLU B 173 29.83 -53.26 10.67
N ALA B 174 28.86 -53.59 9.80
CA ALA B 174 27.46 -53.69 10.22
C ALA B 174 27.20 -54.99 11.00
N ILE B 175 27.77 -56.09 10.52
CA ILE B 175 27.72 -57.37 11.20
C ILE B 175 28.47 -57.13 12.49
N LEU B 176 29.54 -56.35 12.40
CA LEU B 176 30.33 -56.05 13.58
C LEU B 176 29.58 -55.34 14.72
N ALA B 177 28.66 -54.45 14.38
CA ALA B 177 27.95 -53.74 15.44
C ALA B 177 26.82 -54.58 15.97
N ALA B 178 26.33 -55.48 15.13
CA ALA B 178 25.19 -56.32 15.49
C ALA B 178 25.47 -57.25 16.65
N LEU B 179 26.69 -57.79 16.72
CA LEU B 179 27.06 -58.69 17.81
C LEU B 179 28.01 -58.04 18.84
N GLU B 180 27.54 -57.86 20.07
CA GLU B 180 28.36 -57.27 21.13
C GLU B 180 28.08 -57.91 22.49
N ALA C 33 6.02 66.00 -11.91
CA ALA C 33 5.64 65.86 -13.31
C ALA C 33 6.86 65.55 -14.18
N ALA C 34 7.49 64.42 -13.90
CA ALA C 34 8.72 64.02 -14.58
C ALA C 34 8.42 63.75 -16.04
N GLY C 35 9.32 64.18 -16.92
CA GLY C 35 9.09 64.03 -18.34
C GLY C 35 9.53 62.65 -18.80
N GLU C 36 10.36 61.93 -18.06
CA GLU C 36 10.66 60.52 -18.46
C GLU C 36 10.42 59.50 -17.34
N LEU C 37 9.17 59.12 -17.16
CA LEU C 37 8.71 58.34 -16.01
C LEU C 37 8.67 56.84 -16.14
N GLU C 38 9.10 56.28 -17.24
CA GLU C 38 8.90 54.85 -17.40
C GLU C 38 9.61 54.03 -16.34
N GLU C 39 10.82 54.41 -16.00
CA GLU C 39 11.57 53.56 -15.13
C GLU C 39 10.89 53.39 -13.77
N ARG C 40 10.34 54.46 -13.24
CA ARG C 40 9.71 54.40 -11.92
C ARG C 40 8.54 53.46 -11.89
N PHE C 41 7.73 53.49 -12.93
CA PHE C 41 6.50 52.75 -12.94
C PHE C 41 6.72 51.26 -12.77
N ASN C 42 7.70 50.75 -13.48
CA ASN C 42 8.03 49.33 -13.46
C ASN C 42 8.51 48.87 -12.09
N ARG C 43 9.33 49.69 -11.46
CA ARG C 43 9.88 49.43 -10.12
C ARG C 43 8.79 49.32 -9.06
N ALA C 44 7.74 50.11 -9.22
CA ALA C 44 6.64 50.09 -8.28
C ALA C 44 5.46 49.28 -8.81
N LEU C 45 5.72 48.47 -9.84
CA LEU C 45 4.72 47.56 -10.36
C LEU C 45 4.94 46.08 -10.02
N ASN C 46 6.16 45.61 -10.24
CA ASN C 46 6.51 44.25 -9.87
C ASN C 46 6.60 44.03 -8.37
N CYS C 47 6.46 45.12 -7.62
CA CYS C 47 6.45 45.06 -6.18
C CYS C 47 4.98 44.98 -5.76
N MET C 48 4.12 44.67 -6.74
CA MET C 48 2.70 44.44 -6.52
C MET C 48 2.29 43.01 -6.87
N ASN C 49 3.26 42.18 -7.24
CA ASN C 49 3.00 40.78 -7.51
C ASN C 49 1.90 40.62 -8.55
N LEU C 50 2.11 41.22 -9.72
CA LEU C 50 1.10 41.10 -10.77
C LEU C 50 1.55 40.09 -11.82
N PRO C 51 0.63 39.19 -12.22
CA PRO C 51 0.85 38.19 -13.25
C PRO C 51 1.26 38.84 -14.57
N PRO C 52 2.09 38.16 -15.39
CA PRO C 52 2.39 38.67 -16.73
C PRO C 52 1.12 39.00 -17.50
N ASP C 53 0.08 38.22 -17.25
CA ASP C 53 -1.25 38.47 -17.79
C ASP C 53 -1.76 39.89 -17.49
N LYS C 54 -1.81 40.23 -16.20
CA LYS C 54 -2.38 41.51 -15.76
C LYS C 54 -1.39 42.68 -15.72
N VAL C 55 -0.10 42.42 -15.85
CA VAL C 55 0.88 43.50 -15.74
C VAL C 55 1.17 44.32 -17.02
N GLN C 56 1.05 43.75 -18.21
CA GLN C 56 1.03 44.57 -19.44
C GLN C 56 -0.37 44.83 -20.00
N LEU C 57 -1.39 44.17 -19.46
CA LEU C 57 -2.76 44.59 -19.76
C LEU C 57 -2.86 46.03 -19.25
N LEU C 58 -2.04 46.30 -18.25
CA LEU C 58 -1.96 47.58 -17.57
C LEU C 58 -0.86 48.48 -18.16
N SER C 59 0.18 47.88 -18.74
CA SER C 59 1.34 48.64 -19.21
C SER C 59 1.00 49.67 -20.27
N GLN C 60 -0.14 49.50 -20.92
CA GLN C 60 -0.57 50.42 -21.96
C GLN C 60 -1.56 51.48 -21.45
N TYR C 61 -1.12 52.32 -20.53
CA TYR C 61 -1.95 53.41 -20.04
C TYR C 61 -1.57 54.74 -20.68
N ASP C 62 -2.39 55.77 -20.44
CA ASP C 62 -1.97 57.12 -20.80
C ASP C 62 -0.74 57.41 -19.96
N ASN C 63 0.10 58.32 -20.40
CA ASN C 63 1.32 58.64 -19.66
C ASN C 63 0.97 59.36 -18.36
N GLU C 64 -0.13 60.11 -18.38
CA GLU C 64 -0.59 60.83 -17.20
C GLU C 64 -1.18 59.85 -16.19
N LYS C 65 -2.02 58.93 -16.67
CA LYS C 65 -2.65 57.92 -15.81
C LYS C 65 -1.69 56.78 -15.45
N LYS C 66 -0.40 57.00 -15.70
CA LYS C 66 0.67 56.10 -15.28
C LYS C 66 1.43 56.77 -14.14
N TRP C 67 1.67 58.07 -14.30
CA TRP C 67 2.25 58.91 -13.26
C TRP C 67 1.37 58.92 -12.04
N GLU C 68 0.05 58.87 -12.29
CA GLU C 68 -0.95 58.87 -11.24
C GLU C 68 -0.79 57.66 -10.34
N LEU C 69 -0.43 56.52 -10.93
CA LEU C 69 -0.17 55.31 -10.15
C LEU C 69 1.12 55.44 -9.35
N ILE C 70 2.19 55.85 -10.03
CA ILE C 70 3.50 56.03 -9.38
C ILE C 70 3.45 56.91 -8.13
N CYS C 71 2.59 57.94 -8.12
CA CYS C 71 2.56 58.88 -7.00
C CYS C 71 1.63 58.48 -5.84
N ASP C 72 0.59 57.69 -6.11
CA ASP C 72 -0.15 57.10 -5.00
C ASP C 72 0.67 56.04 -4.26
N GLN C 73 1.56 55.38 -4.99
CA GLN C 73 2.37 54.31 -4.44
C GLN C 73 3.24 54.79 -3.30
N GLU C 74 3.98 55.86 -3.53
CA GLU C 74 4.83 56.42 -2.48
C GLU C 74 4.04 57.22 -1.45
N ARG C 75 2.82 57.61 -1.80
CA ARG C 75 1.95 58.35 -0.88
C ARG C 75 1.26 57.41 0.11
N PHE C 76 1.33 56.11 -0.18
CA PHE C 76 0.74 55.06 0.65
C PHE C 76 1.75 54.54 1.68
N GLN C 77 1.32 54.36 2.93
CA GLN C 77 2.26 53.97 3.98
C GLN C 77 1.85 52.71 4.75
N VAL C 78 2.84 51.97 5.22
CA VAL C 78 2.61 50.77 6.01
C VAL C 78 2.56 51.12 7.49
N LYS C 79 1.44 50.82 8.13
CA LYS C 79 1.22 51.14 9.54
C LYS C 79 2.16 50.39 10.49
N ASN C 80 2.22 49.07 10.34
CA ASN C 80 3.00 48.23 11.24
C ASN C 80 3.91 47.25 10.49
N PRO C 81 5.18 47.19 10.91
CA PRO C 81 6.21 46.27 10.40
C PRO C 81 5.99 44.82 10.84
N PRO C 82 6.48 43.85 10.05
CA PRO C 82 6.25 42.42 10.32
C PRO C 82 6.78 41.92 11.66
N ALA C 83 7.86 42.51 12.13
CA ALA C 83 8.43 42.12 13.42
C ALA C 83 7.43 42.34 14.56
N ALA C 84 6.60 43.38 14.41
CA ALA C 84 5.63 43.74 15.44
C ALA C 84 4.64 42.61 15.69
N TYR C 85 4.23 41.94 14.62
CA TYR C 85 3.26 40.84 14.72
C TYR C 85 3.91 39.57 15.26
N ILE C 86 5.14 39.30 14.81
CA ILE C 86 5.91 38.16 15.27
C ILE C 86 5.92 38.09 16.80
N GLN C 87 6.29 39.20 17.42
CA GLN C 87 6.42 39.28 18.87
C GLN C 87 5.11 38.97 19.57
N LYS C 88 4.07 39.72 19.22
CA LYS C 88 2.77 39.61 19.90
C LYS C 88 2.14 38.23 19.68
N LEU C 89 2.61 37.54 18.66
CA LEU C 89 2.16 36.18 18.37
C LEU C 89 3.02 35.12 19.06
N LYS C 90 4.34 35.36 19.10
CA LYS C 90 5.27 34.44 19.74
C LYS C 90 5.01 34.39 21.23
N SER C 91 4.62 35.53 21.77
CA SER C 91 4.29 35.67 23.19
C SER C 91 2.95 35.01 23.58
N TYR C 92 2.07 34.77 22.62
CA TYR C 92 0.82 34.06 22.90
C TYR C 92 1.05 32.59 23.30
N VAL C 93 2.28 32.12 23.10
CA VAL C 93 2.65 30.74 23.41
C VAL C 93 3.42 30.68 24.76
N ASP C 94 2.78 30.01 25.71
CA ASP C 94 3.36 29.75 27.03
C ASP C 94 2.58 28.66 27.77
N PHE C 112 -5.35 30.79 31.82
CA PHE C 112 -6.51 31.09 32.67
C PHE C 112 -7.27 32.13 31.83
N LYS C 113 -7.01 33.41 31.99
CA LYS C 113 -7.79 34.38 31.20
C LYS C 113 -6.95 35.28 30.29
N ARG C 114 -7.66 35.96 29.39
CA ARG C 114 -7.23 36.20 28.03
C ARG C 114 -6.27 37.35 27.72
N ARG C 115 -4.99 37.03 27.56
CA ARG C 115 -4.09 37.90 26.84
C ARG C 115 -4.22 37.46 25.37
N VAL C 116 -5.00 36.39 25.18
CA VAL C 116 -5.38 35.85 23.87
C VAL C 116 -6.73 36.40 23.46
N GLN C 117 -7.16 37.46 24.15
CA GLN C 117 -8.42 38.11 23.86
C GLN C 117 -8.43 38.73 22.46
N GLU C 118 -7.36 39.44 22.13
CA GLU C 118 -7.25 40.11 20.84
C GLU C 118 -6.54 39.23 19.80
N SER C 119 -6.30 37.98 20.17
CA SER C 119 -5.65 37.02 19.28
C SER C 119 -6.39 36.89 17.95
N THR C 120 -7.69 36.71 18.04
CA THR C 120 -8.49 36.49 16.85
C THR C 120 -8.32 37.60 15.83
N GLN C 121 -8.37 38.85 16.28
CA GLN C 121 -8.27 40.00 15.38
C GLN C 121 -6.83 40.35 14.98
N VAL C 122 -5.86 40.14 15.87
CA VAL C 122 -4.47 40.46 15.53
C VAL C 122 -3.98 39.53 14.42
N LEU C 123 -4.36 38.26 14.52
CA LEU C 123 -4.04 37.29 13.49
C LEU C 123 -4.79 37.67 12.22
N ARG C 124 -5.99 38.21 12.40
CA ARG C 124 -6.86 38.53 11.28
C ARG C 124 -6.35 39.71 10.47
N GLU C 125 -5.74 40.69 11.13
CA GLU C 125 -5.18 41.81 10.41
C GLU C 125 -3.74 41.47 10.00
N LEU C 126 -3.21 40.40 10.58
CA LEU C 126 -1.92 39.91 10.14
C LEU C 126 -2.09 39.29 8.77
N GLU C 127 -3.16 38.53 8.60
CA GLU C 127 -3.50 37.97 7.29
C GLU C 127 -3.66 39.09 6.27
N THR C 128 -4.36 40.15 6.66
CA THR C 128 -4.62 41.27 5.77
C THR C 128 -3.34 41.93 5.29
N SER C 129 -2.38 42.06 6.20
CA SER C 129 -1.12 42.71 5.89
C SER C 129 -0.28 41.90 4.91
N LEU C 130 -0.28 40.58 5.06
CA LEU C 130 0.46 39.71 4.15
C LEU C 130 -0.10 39.77 2.73
N ARG C 131 -1.42 39.89 2.65
CA ARG C 131 -2.11 39.84 1.37
C ARG C 131 -2.06 41.15 0.57
N THR C 132 -2.26 42.26 1.26
CA THR C 132 -2.49 43.52 0.56
C THR C 132 -1.33 44.52 0.60
N ASN C 133 -0.33 44.30 1.46
CA ASN C 133 0.84 45.18 1.48
C ASN C 133 1.78 44.80 0.35
N HIS C 134 2.70 45.69 -0.02
CA HIS C 134 3.63 45.41 -1.12
C HIS C 134 4.45 44.15 -0.85
N ILE C 135 4.83 43.44 -1.91
CA ILE C 135 5.48 42.15 -1.78
C ILE C 135 6.78 42.25 -0.99
N GLY C 136 7.34 43.46 -0.89
CA GLY C 136 8.55 43.67 -0.12
C GLY C 136 8.30 43.35 1.35
N TRP C 137 7.10 43.67 1.82
CA TRP C 137 6.72 43.42 3.21
C TRP C 137 6.74 41.92 3.52
N VAL C 138 6.35 41.13 2.54
CA VAL C 138 6.31 39.68 2.67
C VAL C 138 7.71 39.09 2.69
N GLN C 139 8.56 39.58 1.80
CA GLN C 139 9.94 39.13 1.75
C GLN C 139 10.59 39.32 3.13
N GLU C 140 10.33 40.46 3.75
CA GLU C 140 10.85 40.75 5.08
C GLU C 140 10.25 39.87 6.18
N PHE C 141 8.96 39.61 6.12
CA PHE C 141 8.30 38.80 7.13
C PHE C 141 8.84 37.38 7.15
N LEU C 142 9.12 36.85 5.96
CA LEU C 142 9.49 35.45 5.82
C LEU C 142 10.99 35.25 5.84
N ASN C 143 11.76 36.33 5.92
CA ASN C 143 13.18 36.13 5.88
C ASN C 143 13.74 35.54 7.18
N GLU C 144 15.02 35.23 7.09
CA GLU C 144 15.76 34.49 8.11
C GLU C 144 15.95 35.19 9.47
N GLU C 145 16.09 36.47 9.45
CA GLU C 145 16.22 37.22 10.71
C GLU C 145 14.90 37.11 11.54
N ASN C 146 13.78 37.43 10.90
CA ASN C 146 12.46 37.29 11.51
C ASN C 146 12.02 35.84 11.59
N ARG C 147 12.33 35.07 10.54
CA ARG C 147 11.91 33.68 10.43
C ARG C 147 10.41 33.58 10.71
N GLY C 148 9.62 34.24 9.88
CA GLY C 148 8.20 34.42 10.13
C GLY C 148 7.37 33.16 9.95
N LEU C 149 7.70 32.40 8.91
CA LEU C 149 6.99 31.17 8.58
C LEU C 149 7.06 30.24 9.79
N ASP C 150 8.21 30.21 10.45
CA ASP C 150 8.44 29.36 11.61
C ASP C 150 7.51 29.72 12.77
N VAL C 151 7.66 30.94 13.29
CA VAL C 151 6.90 31.42 14.44
C VAL C 151 5.39 31.32 14.19
N LEU C 152 4.99 31.56 12.95
CA LEU C 152 3.59 31.39 12.55
C LEU C 152 3.13 29.94 12.72
N LEU C 153 3.95 29.01 12.24
CA LEU C 153 3.68 27.58 12.33
C LEU C 153 3.63 27.14 13.78
N GLU C 154 4.45 27.78 14.61
CA GLU C 154 4.51 27.46 16.02
C GLU C 154 3.21 27.74 16.73
N TYR C 155 2.53 28.80 16.31
CA TYR C 155 1.26 29.18 16.95
C TYR C 155 0.08 28.31 16.53
N LEU C 156 0.06 27.90 15.27
CA LEU C 156 -1.03 27.08 14.78
C LEU C 156 -1.02 25.76 15.53
N ALA C 157 0.18 25.19 15.69
CA ALA C 157 0.38 23.94 16.41
C ALA C 157 -0.11 24.07 17.84
N PHE C 158 0.11 25.25 18.41
CA PHE C 158 -0.31 25.55 19.77
C PHE C 158 -1.82 25.50 19.90
N ALA C 159 -2.51 26.05 18.90
CA ALA C 159 -3.96 26.16 18.97
C ALA C 159 -4.66 24.86 18.58
N GLN C 160 -3.99 24.04 17.79
CA GLN C 160 -4.64 22.88 17.20
C GLN C 160 -4.27 21.56 17.88
N CYS C 161 -3.80 21.63 19.11
CA CYS C 161 -3.48 20.41 19.84
C CYS C 161 -4.65 20.12 20.78
N SER C 162 -5.70 20.93 20.62
CA SER C 162 -6.94 20.73 21.33
C SER C 162 -7.89 19.98 20.43
N VAL C 163 -7.69 20.09 19.13
CA VAL C 163 -8.56 19.48 18.14
C VAL C 163 -8.00 18.14 17.63
N THR C 164 -6.68 17.99 17.66
CA THR C 164 -6.07 16.73 17.23
C THR C 164 -6.15 15.65 18.31
N TYR C 165 -6.51 16.06 19.53
CA TYR C 165 -6.54 15.15 20.68
C TYR C 165 -8.00 14.84 21.07
N ASP C 166 -8.92 14.97 20.12
CA ASP C 166 -10.31 14.64 20.38
C ASP C 166 -10.74 13.39 19.61
N MET C 167 -10.04 13.10 18.52
CA MET C 167 -10.38 11.99 17.62
C MET C 167 -9.16 11.59 16.79
N LYS C 188 2.16 16.75 28.51
CA LYS C 188 2.49 18.17 28.44
C LYS C 188 1.52 18.99 29.28
N ALA C 189 1.69 20.31 29.25
CA ALA C 189 0.70 21.23 29.81
C ALA C 189 -0.21 21.77 28.69
N LEU C 190 -1.52 21.49 28.76
CA LEU C 190 -2.44 22.01 27.75
C LEU C 190 -2.78 23.47 28.02
N ARG C 191 -3.23 23.76 29.24
CA ARG C 191 -3.48 25.13 29.68
C ARG C 191 -4.39 25.87 28.71
N ASN C 192 -3.85 26.95 28.15
CA ASN C 192 -4.59 27.90 27.30
C ASN C 192 -5.00 27.45 25.89
N SER C 193 -4.74 26.20 25.50
CA SER C 193 -4.98 25.81 24.10
C SER C 193 -6.45 25.55 23.77
N ARG C 194 -7.23 25.12 24.75
CA ARG C 194 -8.62 24.75 24.49
C ARG C 194 -9.48 25.97 24.14
N ILE C 195 -9.20 27.10 24.79
CA ILE C 195 -9.94 28.34 24.56
C ILE C 195 -9.52 29.00 23.24
N VAL C 196 -8.22 28.91 22.95
CA VAL C 196 -7.63 29.45 21.73
C VAL C 196 -8.10 28.63 20.53
N SER C 197 -8.60 27.44 20.83
CA SER C 197 -9.12 26.51 19.82
C SER C 197 -10.43 27.02 19.21
N GLN C 198 -10.94 28.14 19.71
CA GLN C 198 -12.07 28.83 19.09
C GLN C 198 -11.79 28.96 17.60
N LYS C 199 -12.76 28.56 16.79
CA LYS C 199 -12.55 28.43 15.35
C LYS C 199 -12.04 29.68 14.64
N ASP C 200 -12.25 30.85 15.22
CA ASP C 200 -11.79 32.05 14.52
C ASP C 200 -10.31 32.31 14.73
N ASP C 201 -9.82 32.00 15.92
CA ASP C 201 -8.41 32.19 16.22
C ASP C 201 -7.53 31.32 15.32
N VAL C 202 -7.87 30.04 15.24
CA VAL C 202 -7.11 29.02 14.53
C VAL C 202 -7.11 29.02 12.99
N HIS C 203 -8.24 29.35 12.39
CA HIS C 203 -8.46 29.20 10.95
C HIS C 203 -7.84 30.31 10.10
N VAL C 204 -7.76 31.50 10.66
CA VAL C 204 -7.13 32.62 9.98
C VAL C 204 -5.69 32.25 9.63
N CYS C 205 -5.06 31.48 10.51
CA CYS C 205 -3.69 31.03 10.32
C CYS C 205 -3.49 30.34 8.97
N ILE C 206 -4.45 29.53 8.57
CA ILE C 206 -4.36 28.86 7.28
C ILE C 206 -4.37 29.91 6.17
N MET C 207 -5.17 30.95 6.37
CA MET C 207 -5.29 32.02 5.39
C MET C 207 -3.99 32.78 5.27
N CYS C 208 -3.24 32.83 6.36
CA CYS C 208 -1.93 33.47 6.32
C CYS C 208 -1.00 32.69 5.42
N LEU C 209 -1.12 31.36 5.49
CA LEU C 209 -0.31 30.48 4.66
C LEU C 209 -0.70 30.57 3.20
N ARG C 210 -2.01 30.53 2.92
CA ARG C 210 -2.52 30.68 1.57
C ARG C 210 -2.00 31.96 0.94
N ALA C 211 -1.87 33.01 1.75
CA ALA C 211 -1.34 34.28 1.29
C ALA C 211 0.14 34.17 0.95
N ILE C 212 0.90 33.46 1.80
CA ILE C 212 2.33 33.28 1.58
C ILE C 212 2.55 32.46 0.30
N MET C 213 1.61 31.57 0.01
CA MET C 213 1.73 30.69 -1.14
C MET C 213 1.25 31.40 -2.42
N ASN C 214 0.79 32.64 -2.28
CA ASN C 214 0.45 33.48 -3.43
C ASN C 214 1.72 34.07 -4.02
N TYR C 215 2.76 34.08 -3.20
CA TYR C 215 4.07 34.59 -3.58
C TYR C 215 5.03 33.45 -3.96
N GLN C 216 5.54 33.47 -5.18
CA GLN C 216 6.34 32.37 -5.75
C GLN C 216 7.48 31.87 -4.85
N SER C 217 8.27 32.80 -4.34
CA SER C 217 9.40 32.45 -3.50
C SER C 217 8.91 31.83 -2.20
N GLY C 218 7.77 32.32 -1.69
CA GLY C 218 7.20 31.81 -0.46
C GLY C 218 6.59 30.43 -0.61
N PHE C 219 6.04 30.16 -1.78
CA PHE C 219 5.42 28.87 -2.07
C PHE C 219 6.45 27.74 -2.10
N SER C 220 7.63 28.04 -2.63
CA SER C 220 8.72 27.07 -2.62
C SER C 220 9.26 26.94 -1.20
N LEU C 221 9.17 28.03 -0.44
CA LEU C 221 9.61 28.04 0.94
C LEU C 221 8.68 27.22 1.82
N VAL C 222 7.47 27.00 1.32
CA VAL C 222 6.46 26.24 2.05
C VAL C 222 6.70 24.77 1.75
N MET C 223 7.05 24.50 0.50
CA MET C 223 7.34 23.14 0.14
C MET C 223 8.67 22.62 0.70
N ASN C 224 9.70 23.45 0.88
CA ASN C 224 10.89 22.81 1.43
C ASN C 224 10.92 22.89 2.97
N HIS C 225 9.98 23.60 3.60
CA HIS C 225 9.87 23.47 5.05
C HIS C 225 9.13 22.17 5.32
N PRO C 226 9.73 21.30 6.13
CA PRO C 226 9.23 19.94 6.37
C PRO C 226 7.89 19.88 7.09
N ALA C 227 7.81 20.45 8.28
CA ALA C 227 6.62 20.31 9.10
C ALA C 227 5.42 21.06 8.54
N CYS C 228 5.70 22.14 7.79
CA CYS C 228 4.69 23.05 7.28
C CYS C 228 3.54 22.35 6.57
N VAL C 229 3.84 21.64 5.48
CA VAL C 229 2.79 20.98 4.71
C VAL C 229 2.13 19.85 5.50
N ASN C 230 2.90 19.17 6.35
CA ASN C 230 2.38 18.07 7.15
C ASN C 230 1.46 18.64 8.22
N GLU C 231 1.75 19.87 8.64
CA GLU C 231 0.95 20.59 9.62
C GLU C 231 -0.40 21.01 9.07
N ILE C 232 -0.41 21.42 7.82
CA ILE C 232 -1.65 21.87 7.18
C ILE C 232 -2.63 20.72 7.06
N ALA C 233 -2.10 19.54 6.76
CA ALA C 233 -2.90 18.32 6.66
C ALA C 233 -3.54 17.97 8.01
N LEU C 234 -2.86 18.32 9.10
CA LEU C 234 -3.38 18.01 10.42
C LEU C 234 -4.58 18.88 10.75
N SER C 235 -4.66 20.04 10.09
CA SER C 235 -5.75 20.99 10.32
C SER C 235 -7.02 20.55 9.60
N LEU C 236 -6.98 19.35 9.06
CA LEU C 236 -8.15 18.75 8.41
C LEU C 236 -9.08 18.19 9.47
N ASN C 237 -8.58 18.10 10.69
CA ASN C 237 -9.32 17.54 11.82
C ASN C 237 -10.32 18.52 12.40
N ASN C 238 -10.19 19.79 12.01
CA ASN C 238 -11.07 20.82 12.56
C ASN C 238 -12.50 20.60 12.12
N LYS C 239 -13.44 20.84 13.04
CA LYS C 239 -14.84 20.44 12.85
C LYS C 239 -15.60 21.35 11.89
N ASN C 240 -15.01 22.51 11.57
CA ASN C 240 -15.65 23.48 10.70
C ASN C 240 -15.46 23.13 9.22
N PRO C 241 -16.57 22.91 8.49
CA PRO C 241 -16.58 22.58 7.07
C PRO C 241 -15.82 23.60 6.23
N ARG C 242 -15.92 24.87 6.56
CA ARG C 242 -15.24 25.91 5.80
C ARG C 242 -13.73 25.74 5.93
N THR C 243 -13.29 25.39 7.14
CA THR C 243 -11.88 25.16 7.39
C THR C 243 -11.37 23.94 6.63
N LYS C 244 -12.10 22.84 6.73
CA LYS C 244 -11.73 21.61 6.03
C LYS C 244 -11.52 21.85 4.54
N ALA C 245 -12.49 22.50 3.92
CA ALA C 245 -12.44 22.77 2.49
C ALA C 245 -11.22 23.60 2.09
N LEU C 246 -10.88 24.59 2.90
CA LEU C 246 -9.73 25.44 2.60
C LEU C 246 -8.43 24.64 2.65
N VAL C 247 -8.32 23.76 3.64
CA VAL C 247 -7.17 22.87 3.79
C VAL C 247 -7.00 22.00 2.55
N LEU C 248 -8.12 21.45 2.08
CA LEU C 248 -8.14 20.55 0.94
C LEU C 248 -7.82 21.31 -0.34
N GLU C 249 -8.34 22.53 -0.44
CA GLU C 249 -8.05 23.41 -1.57
C GLU C 249 -6.55 23.71 -1.61
N LEU C 250 -5.99 23.92 -0.43
CA LEU C 250 -4.58 24.26 -0.28
C LEU C 250 -3.70 23.08 -0.68
N LEU C 251 -3.96 21.93 -0.06
CA LEU C 251 -3.19 20.71 -0.32
C LEU C 251 -3.24 20.29 -1.78
N ALA C 252 -4.36 20.60 -2.43
CA ALA C 252 -4.54 20.26 -3.84
C ALA C 252 -3.49 20.96 -4.70
N ALA C 253 -3.20 22.22 -4.38
CA ALA C 253 -2.27 22.99 -5.19
C ALA C 253 -0.86 22.42 -5.07
N VAL C 254 -0.43 22.18 -3.84
CA VAL C 254 0.89 21.61 -3.58
C VAL C 254 1.05 20.24 -4.20
N CYS C 255 -0.06 19.54 -4.35
CA CYS C 255 -0.03 18.18 -4.88
C CYS C 255 0.34 18.13 -6.37
N LEU C 256 -0.07 19.14 -7.13
CA LEU C 256 0.12 19.07 -8.57
C LEU C 256 1.41 19.73 -9.05
N VAL C 257 2.00 20.60 -8.23
CA VAL C 257 3.28 21.20 -8.60
C VAL C 257 4.36 20.14 -8.63
N ARG C 258 5.41 20.38 -9.41
CA ARG C 258 6.41 19.35 -9.68
C ARG C 258 7.07 18.77 -8.43
N GLY C 259 6.95 17.45 -8.27
CA GLY C 259 7.52 16.78 -7.12
C GLY C 259 6.71 16.96 -5.86
N GLY C 260 5.67 17.79 -5.95
CA GLY C 260 4.84 18.11 -4.81
C GLY C 260 3.94 16.97 -4.38
N HIS C 261 3.76 16.00 -5.27
CA HIS C 261 2.95 14.82 -4.96
C HIS C 261 3.64 13.96 -3.90
N ASP C 262 4.96 13.91 -3.94
CA ASP C 262 5.71 13.08 -3.00
C ASP C 262 5.73 13.74 -1.62
N ILE C 263 5.51 15.06 -1.63
CA ILE C 263 5.50 15.85 -0.41
C ILE C 263 4.18 15.67 0.34
N ILE C 264 3.10 15.60 -0.42
CA ILE C 264 1.75 15.39 0.11
C ILE C 264 1.57 14.01 0.74
N LEU C 265 2.18 13.00 0.13
CA LEU C 265 2.12 11.65 0.67
C LEU C 265 2.78 11.58 2.04
N ALA C 266 3.97 12.15 2.14
CA ALA C 266 4.72 12.16 3.39
C ALA C 266 3.97 12.89 4.49
N ALA C 267 3.07 13.78 4.09
CA ALA C 267 2.24 14.55 5.02
C ALA C 267 1.11 13.72 5.61
N PHE C 268 0.48 12.90 4.77
CA PHE C 268 -0.61 12.03 5.20
C PHE C 268 -0.11 10.75 5.87
N ASP C 269 1.12 10.37 5.57
CA ASP C 269 1.81 9.28 6.26
C ASP C 269 2.04 9.69 7.71
N ASN C 270 2.55 10.91 7.87
CA ASN C 270 2.65 11.53 9.18
C ASN C 270 1.30 11.59 9.87
N PHE C 271 0.27 11.90 9.09
CA PHE C 271 -1.09 11.98 9.61
C PHE C 271 -1.56 10.64 10.14
N LYS C 272 -1.08 9.55 9.57
CA LYS C 272 -1.52 8.22 9.98
C LYS C 272 -1.00 7.89 11.38
N GLU C 273 0.28 8.17 11.62
CA GLU C 273 0.92 7.76 12.87
C GLU C 273 0.48 8.63 14.05
N VAL C 274 0.40 9.94 13.84
CA VAL C 274 0.05 10.84 14.94
C VAL C 274 -1.42 10.76 15.32
N CYS C 275 -2.26 10.25 14.41
CA CYS C 275 -3.69 10.10 14.70
C CYS C 275 -3.97 8.68 15.11
N GLY C 276 -2.98 7.82 14.95
CA GLY C 276 -3.12 6.43 15.35
C GLY C 276 -4.16 5.70 14.54
N GLU C 277 -4.04 5.75 13.21
CA GLU C 277 -5.00 5.08 12.36
C GLU C 277 -4.36 4.02 11.46
N GLN C 278 -5.20 3.07 11.05
CA GLN C 278 -4.84 1.85 10.33
C GLN C 278 -4.36 2.09 8.90
N HIS C 279 -5.19 2.73 8.08
CA HIS C 279 -4.87 3.01 6.70
C HIS C 279 -4.63 4.50 6.56
N ARG C 280 -3.95 4.92 5.50
CA ARG C 280 -3.41 6.26 5.46
C ARG C 280 -4.40 7.42 5.33
N PHE C 281 -5.23 7.44 4.29
CA PHE C 281 -6.12 8.60 4.22
C PHE C 281 -7.31 7.61 4.20
N GLU C 282 -7.76 7.60 5.46
CA GLU C 282 -8.96 7.08 6.05
C GLU C 282 -9.76 7.95 7.03
N LYS C 283 -9.12 8.79 7.86
CA LYS C 283 -9.86 9.84 8.57
C LYS C 283 -10.54 10.83 7.64
N LEU C 284 -9.95 11.03 6.47
CA LEU C 284 -10.54 11.84 5.40
C LEU C 284 -11.82 11.23 4.84
N MET C 285 -11.76 9.95 4.49
CA MET C 285 -12.92 9.24 3.95
C MET C 285 -14.14 9.30 4.87
N GLU C 286 -13.91 9.37 6.18
CA GLU C 286 -15.02 9.48 7.10
C GLU C 286 -15.69 10.84 6.93
N TYR C 287 -14.88 11.90 6.86
CA TYR C 287 -15.40 13.26 6.67
C TYR C 287 -16.17 13.48 5.38
N PHE C 288 -15.69 12.88 4.30
CA PHE C 288 -16.28 13.05 2.99
C PHE C 288 -17.65 12.40 2.87
N ARG C 289 -17.76 11.20 3.42
CA ARG C 289 -18.97 10.40 3.33
C ARG C 289 -20.14 10.93 4.15
N ASN C 290 -19.92 11.10 5.45
CA ASN C 290 -21.02 11.25 6.41
C ASN C 290 -21.67 12.63 6.54
N GLU C 291 -21.07 13.65 5.95
CA GLU C 291 -21.68 14.96 6.00
C GLU C 291 -22.32 15.32 4.67
N ASP C 292 -23.62 15.58 4.70
CA ASP C 292 -24.35 15.97 3.50
C ASP C 292 -24.80 17.42 3.60
N SER C 293 -24.35 18.13 4.62
CA SER C 293 -24.81 19.49 4.85
C SER C 293 -24.19 20.50 3.88
N ASN C 294 -22.86 20.57 3.87
CA ASN C 294 -22.16 21.57 3.05
C ASN C 294 -21.70 20.98 1.71
N ILE C 295 -22.15 21.58 0.62
CA ILE C 295 -21.83 21.06 -0.70
C ILE C 295 -20.41 21.43 -1.13
N ASP C 296 -19.99 22.68 -0.91
CA ASP C 296 -18.71 23.13 -1.45
C ASP C 296 -17.53 22.43 -0.77
N PHE C 297 -17.74 21.91 0.44
CA PHE C 297 -16.74 21.08 1.06
C PHE C 297 -16.54 19.84 0.20
N MET C 298 -17.65 19.20 -0.15
CA MET C 298 -17.59 17.96 -0.93
C MET C 298 -16.88 18.23 -2.25
N VAL C 299 -17.10 19.41 -2.79
CA VAL C 299 -16.44 19.82 -4.03
C VAL C 299 -14.92 19.84 -3.87
N ALA C 300 -14.45 20.53 -2.84
CA ALA C 300 -13.01 20.64 -2.60
C ALA C 300 -12.39 19.32 -2.19
N CYS C 301 -13.19 18.50 -1.51
CA CYS C 301 -12.76 17.19 -1.07
C CYS C 301 -12.61 16.24 -2.24
N MET C 302 -13.67 16.12 -3.03
CA MET C 302 -13.67 15.24 -4.19
C MET C 302 -12.55 15.62 -5.15
N GLN C 303 -12.26 16.92 -5.23
CA GLN C 303 -11.23 17.38 -6.15
C GLN C 303 -9.85 17.05 -5.63
N PHE C 304 -9.68 17.01 -4.31
CA PHE C 304 -8.40 16.64 -3.74
C PHE C 304 -8.09 15.17 -4.02
N ILE C 305 -9.11 14.33 -3.90
CA ILE C 305 -8.97 12.89 -4.12
C ILE C 305 -8.69 12.53 -5.57
N ASN C 306 -9.43 13.16 -6.47
CA ASN C 306 -9.26 12.95 -7.90
C ASN C 306 -7.84 13.31 -8.35
N ILE C 307 -7.28 14.34 -7.74
CA ILE C 307 -5.93 14.78 -8.06
C ILE C 307 -4.92 13.76 -7.58
N VAL C 308 -5.00 13.41 -6.30
CA VAL C 308 -3.99 12.55 -5.67
C VAL C 308 -3.87 11.18 -6.34
N VAL C 309 -4.91 10.75 -7.05
CA VAL C 309 -4.92 9.42 -7.66
C VAL C 309 -4.49 9.42 -9.14
N HIS C 310 -4.93 10.42 -9.90
CA HIS C 310 -4.70 10.43 -11.34
C HIS C 310 -3.73 11.51 -11.83
N SER C 311 -3.21 12.33 -10.94
CA SER C 311 -2.28 13.38 -11.35
C SER C 311 -0.89 12.79 -11.52
N VAL C 312 -0.70 11.56 -11.05
CA VAL C 312 0.60 10.94 -11.02
C VAL C 312 1.11 10.58 -12.41
N GLU C 313 2.44 10.67 -12.57
CA GLU C 313 3.12 10.27 -13.80
C GLU C 313 2.97 8.78 -14.12
N ASN C 314 3.44 7.93 -13.22
CA ASN C 314 3.46 6.49 -13.44
C ASN C 314 2.08 5.86 -13.33
N MET C 315 1.76 4.98 -14.29
CA MET C 315 0.42 4.44 -14.38
C MET C 315 0.20 3.22 -13.50
N ASN C 316 1.29 2.58 -13.05
CA ASN C 316 1.17 1.54 -12.06
C ASN C 316 0.87 2.13 -10.70
N PHE C 317 1.43 3.31 -10.46
CA PHE C 317 1.23 4.00 -9.19
C PHE C 317 -0.18 4.51 -9.15
N ARG C 318 -0.73 4.85 -10.31
CA ARG C 318 -2.10 5.34 -10.40
C ARG C 318 -3.09 4.26 -9.95
N VAL C 319 -2.96 3.06 -10.49
CA VAL C 319 -3.89 1.99 -10.14
C VAL C 319 -3.65 1.46 -8.72
N PHE C 320 -2.42 1.60 -8.23
CA PHE C 320 -2.11 1.29 -6.84
C PHE C 320 -2.86 2.22 -5.90
N LEU C 321 -2.78 3.51 -6.19
CA LEU C 321 -3.44 4.54 -5.38
C LEU C 321 -4.95 4.42 -5.55
N GLN C 322 -5.38 4.15 -6.78
CA GLN C 322 -6.79 3.96 -7.08
C GLN C 322 -7.41 2.82 -6.27
N TYR C 323 -6.65 1.75 -6.10
CA TYR C 323 -7.13 0.58 -5.36
C TYR C 323 -7.26 0.84 -3.88
N GLU C 324 -6.30 1.60 -3.35
CA GLU C 324 -6.28 1.94 -1.94
C GLU C 324 -7.54 2.69 -1.50
N PHE C 325 -8.07 3.51 -2.41
CA PHE C 325 -9.28 4.28 -2.14
C PHE C 325 -10.51 3.43 -2.30
N THR C 326 -10.50 2.55 -3.30
CA THR C 326 -11.58 1.59 -3.50
C THR C 326 -11.79 0.80 -2.21
N HIS C 327 -10.68 0.41 -1.58
CA HIS C 327 -10.70 -0.29 -0.30
C HIS C 327 -11.38 0.52 0.80
N LEU C 328 -11.23 1.84 0.76
CA LEU C 328 -11.81 2.68 1.79
C LEU C 328 -13.29 2.93 1.50
N GLY C 329 -13.82 2.19 0.53
CA GLY C 329 -15.24 2.21 0.22
C GLY C 329 -15.63 3.46 -0.54
N LEU C 330 -14.69 3.98 -1.32
CA LEU C 330 -14.91 5.19 -2.09
C LEU C 330 -15.96 4.93 -3.17
N ASP C 331 -15.78 3.83 -3.91
CA ASP C 331 -16.63 3.55 -5.05
C ASP C 331 -18.07 3.23 -4.65
N LEU C 332 -18.24 2.62 -3.49
CA LEU C 332 -19.58 2.23 -3.05
C LEU C 332 -20.36 3.40 -2.48
N TYR C 333 -19.62 4.39 -1.96
CA TYR C 333 -20.24 5.63 -1.51
C TYR C 333 -20.57 6.54 -2.67
N LEU C 334 -19.68 6.54 -3.67
CA LEU C 334 -19.86 7.38 -4.85
C LEU C 334 -21.03 6.92 -5.71
N GLU C 335 -21.46 5.67 -5.54
CA GLU C 335 -22.59 5.18 -6.31
C GLU C 335 -23.86 5.87 -5.83
N ARG C 336 -23.93 6.11 -4.52
CA ARG C 336 -25.05 6.85 -3.94
C ARG C 336 -24.90 8.36 -4.13
N LEU C 337 -23.65 8.84 -4.15
CA LEU C 337 -23.40 10.28 -4.22
C LEU C 337 -23.50 10.80 -5.65
N ARG C 338 -23.60 9.89 -6.62
CA ARG C 338 -23.76 10.27 -8.01
C ARG C 338 -25.19 10.79 -8.21
N LEU C 339 -26.01 10.59 -7.17
CA LEU C 339 -27.42 10.94 -7.19
C LEU C 339 -27.71 12.43 -6.92
N THR C 340 -26.76 13.15 -6.33
CA THR C 340 -26.97 14.54 -5.92
C THR C 340 -27.31 15.42 -7.13
N GLU C 341 -28.12 16.44 -6.91
CA GLU C 341 -28.50 17.32 -8.02
C GLU C 341 -27.75 18.64 -7.96
N SER C 342 -26.72 18.68 -7.12
CA SER C 342 -25.73 19.76 -7.17
C SER C 342 -24.90 19.73 -8.45
N ASP C 343 -24.88 20.82 -9.18
CA ASP C 343 -24.15 20.88 -10.44
C ASP C 343 -22.65 20.81 -10.15
N LYS C 344 -22.21 21.55 -9.13
CA LYS C 344 -20.78 21.65 -8.80
C LYS C 344 -20.14 20.34 -8.34
N LEU C 345 -20.89 19.51 -7.62
CA LEU C 345 -20.33 18.23 -7.16
C LEU C 345 -20.44 17.16 -8.25
N GLN C 346 -21.58 17.12 -8.95
CA GLN C 346 -21.82 16.14 -10.00
C GLN C 346 -20.76 16.18 -11.10
N VAL C 347 -20.21 17.37 -11.35
CA VAL C 347 -19.18 17.52 -12.37
C VAL C 347 -17.83 16.99 -11.90
N GLN C 348 -17.51 17.21 -10.63
CA GLN C 348 -16.24 16.74 -10.07
C GLN C 348 -16.28 15.21 -9.89
N ILE C 349 -17.45 14.69 -9.57
CA ILE C 349 -17.60 13.25 -9.37
C ILE C 349 -17.47 12.50 -10.70
N GLN C 350 -18.19 12.96 -11.71
CA GLN C 350 -18.15 12.35 -13.03
C GLN C 350 -16.74 12.41 -13.63
N ALA C 351 -15.97 13.39 -13.18
CA ALA C 351 -14.60 13.55 -13.66
C ALA C 351 -13.71 12.44 -13.13
N TYR C 352 -14.00 12.00 -11.92
CA TYR C 352 -13.24 10.92 -11.30
C TYR C 352 -13.68 9.59 -11.92
N LEU C 353 -14.97 9.51 -12.23
CA LEU C 353 -15.53 8.25 -12.73
C LEU C 353 -15.06 7.92 -14.15
N ASP C 354 -14.69 8.92 -14.93
CA ASP C 354 -14.19 8.66 -16.29
C ASP C 354 -12.73 8.20 -16.26
N ASN C 355 -12.04 8.50 -15.16
CA ASN C 355 -10.61 8.27 -15.07
C ASN C 355 -10.19 6.93 -14.47
N ILE C 356 -11.16 6.16 -14.02
CA ILE C 356 -10.87 4.92 -13.33
C ILE C 356 -10.33 3.85 -14.26
N PHE C 357 -9.39 3.05 -13.77
CA PHE C 357 -8.79 1.98 -14.57
C PHE C 357 -9.36 0.63 -14.19
N ASP C 358 -9.37 -0.26 -15.17
CA ASP C 358 -9.91 -1.60 -14.97
C ASP C 358 -8.98 -2.55 -15.69
N VAL C 359 -7.98 -3.02 -14.97
CA VAL C 359 -6.92 -3.84 -15.55
C VAL C 359 -7.49 -5.10 -16.22
N GLY C 360 -8.59 -5.61 -15.68
CA GLY C 360 -9.28 -6.74 -16.29
C GLY C 360 -9.72 -6.44 -17.71
N ALA C 361 -10.41 -5.33 -17.89
CA ALA C 361 -10.91 -4.95 -19.21
C ALA C 361 -9.78 -4.73 -20.21
N LEU C 362 -8.67 -4.16 -19.74
CA LEU C 362 -7.57 -3.80 -20.63
C LEU C 362 -6.77 -4.99 -21.15
N LEU C 363 -6.80 -6.12 -20.43
CA LEU C 363 -6.11 -7.31 -20.90
C LEU C 363 -6.98 -8.03 -21.92
N GLU C 364 -8.29 -7.92 -21.72
CA GLU C 364 -9.26 -8.59 -22.56
C GLU C 364 -9.26 -8.02 -23.97
N ASP C 365 -9.04 -6.71 -24.08
CA ASP C 365 -9.05 -6.06 -25.38
C ASP C 365 -7.66 -6.13 -26.00
N THR C 366 -6.73 -6.72 -25.26
CA THR C 366 -5.36 -6.86 -25.72
C THR C 366 -5.22 -8.22 -26.39
N GLU C 367 -5.88 -9.22 -25.81
CA GLU C 367 -5.97 -10.54 -26.42
C GLU C 367 -6.63 -10.31 -27.78
N THR C 368 -7.82 -9.73 -27.71
CA THR C 368 -8.61 -9.34 -28.88
C THR C 368 -7.79 -8.74 -30.03
N LYS C 369 -6.90 -7.80 -29.69
CA LYS C 369 -6.02 -7.19 -30.67
C LYS C 369 -5.19 -8.24 -31.40
N ASN C 370 -4.51 -9.10 -30.64
CA ASN C 370 -3.62 -10.08 -31.24
C ASN C 370 -4.44 -11.09 -32.04
N ALA C 371 -5.65 -11.38 -31.56
CA ALA C 371 -6.52 -12.36 -32.21
C ALA C 371 -7.13 -11.82 -33.50
N VAL C 372 -7.28 -10.50 -33.58
CA VAL C 372 -7.77 -9.87 -34.81
C VAL C 372 -6.60 -9.69 -35.77
N LEU C 373 -5.40 -9.64 -35.21
CA LEU C 373 -4.17 -9.66 -36.01
C LEU C 373 -4.09 -10.97 -36.76
N GLU C 374 -4.50 -12.05 -36.11
CA GLU C 374 -4.47 -13.37 -36.73
C GLU C 374 -5.74 -13.62 -37.54
N HIS C 375 -6.75 -12.79 -37.35
CA HIS C 375 -7.90 -12.79 -38.25
C HIS C 375 -7.66 -11.84 -39.43
N MET C 376 -6.83 -10.83 -39.23
CA MET C 376 -6.40 -9.97 -40.32
C MET C 376 -5.39 -10.74 -41.17
N GLU C 377 -4.71 -11.68 -40.53
CA GLU C 377 -3.84 -12.60 -41.24
C GLU C 377 -4.71 -13.66 -41.92
N GLU C 378 -5.86 -13.95 -41.31
CA GLU C 378 -6.84 -14.85 -41.91
C GLU C 378 -7.55 -14.20 -43.08
N LEU C 379 -7.68 -12.87 -43.03
CA LEU C 379 -8.29 -12.12 -44.12
C LEU C 379 -7.30 -11.89 -45.25
N GLN C 380 -6.05 -11.66 -44.89
CA GLN C 380 -4.99 -11.48 -45.88
C GLN C 380 -4.70 -12.78 -46.62
N GLU C 381 -4.87 -13.91 -45.93
CA GLU C 381 -4.68 -15.24 -46.52
C GLU C 381 -5.88 -15.75 -47.31
N GLN C 382 -7.08 -15.31 -46.94
CA GLN C 382 -8.30 -15.77 -47.59
C GLN C 382 -8.51 -15.02 -48.89
N VAL C 383 -8.24 -13.73 -48.87
CA VAL C 383 -8.29 -12.96 -50.11
C VAL C 383 -7.23 -13.46 -51.14
N ALA C 384 -6.06 -13.90 -50.68
CA ALA C 384 -4.99 -14.34 -51.59
C ALA C 384 -5.37 -15.60 -52.35
N LEU C 385 -5.79 -16.61 -51.60
CA LEU C 385 -6.21 -17.88 -52.19
C LEU C 385 -7.43 -17.75 -53.10
N LEU C 386 -8.45 -17.04 -52.61
CA LEU C 386 -9.66 -16.78 -53.38
C LEU C 386 -9.46 -16.07 -54.72
N THR C 387 -8.67 -15.01 -54.72
CA THR C 387 -8.46 -14.24 -55.95
C THR C 387 -7.55 -14.98 -56.93
N GLU C 388 -6.68 -15.85 -56.39
CA GLU C 388 -5.78 -16.65 -57.22
C GLU C 388 -6.52 -17.79 -57.93
N ARG C 389 -7.61 -18.25 -57.32
CA ARG C 389 -8.41 -19.32 -57.89
C ARG C 389 -9.42 -18.79 -58.91
N LEU C 390 -9.76 -17.51 -58.80
CA LEU C 390 -10.72 -16.88 -59.70
C LEU C 390 -10.05 -16.51 -61.03
N ARG C 391 -8.74 -16.33 -60.98
CA ARG C 391 -7.97 -16.06 -62.19
C ARG C 391 -7.61 -17.36 -62.91
N ASP C 392 -7.58 -18.47 -62.17
CA ASP C 392 -7.33 -19.78 -62.77
C ASP C 392 -8.58 -20.32 -63.46
N ALA C 393 -9.74 -19.86 -63.00
CA ALA C 393 -11.01 -20.19 -63.63
C ALA C 393 -11.26 -19.30 -64.85
N GLU C 394 -10.79 -18.05 -64.77
CA GLU C 394 -10.91 -17.09 -65.87
C GLU C 394 -10.01 -17.43 -67.06
N ASN C 395 -8.93 -18.17 -66.81
CA ASN C 395 -8.00 -18.57 -67.87
C ASN C 395 -8.41 -19.86 -68.57
N GLU C 396 -9.03 -20.75 -67.81
CA GLU C 396 -9.54 -22.03 -68.31
C GLU C 396 -10.73 -21.83 -69.25
N SER C 397 -11.35 -20.66 -69.17
CA SER C 397 -12.53 -20.29 -69.95
C SER C 397 -12.61 -20.88 -71.36
N MET D 3 -13.76 75.16 -0.38
CA MET D 3 -14.85 74.20 -0.48
C MET D 3 -14.47 72.86 0.15
N GLN D 4 -15.40 71.90 0.08
CA GLN D 4 -15.19 70.57 0.64
C GLN D 4 -15.47 69.43 -0.32
N THR D 5 -14.93 68.26 0.00
CA THR D 5 -15.11 67.08 -0.84
C THR D 5 -15.35 65.82 0.00
N ILE D 6 -16.12 64.89 -0.56
CA ILE D 6 -16.44 63.62 0.11
C ILE D 6 -15.90 62.42 -0.64
N LYS D 7 -14.86 61.78 -0.11
CA LYS D 7 -14.27 60.61 -0.75
C LYS D 7 -15.04 59.34 -0.40
N CYS D 8 -15.45 58.61 -1.44
CA CYS D 8 -16.18 57.37 -1.25
C CYS D 8 -15.59 56.24 -2.10
N VAL D 9 -15.19 55.16 -1.43
CA VAL D 9 -14.61 54.02 -2.12
C VAL D 9 -15.56 52.82 -2.10
N VAL D 10 -15.79 52.22 -3.26
CA VAL D 10 -16.63 51.04 -3.35
C VAL D 10 -15.75 49.81 -3.48
N VAL D 11 -15.82 48.95 -2.48
CA VAL D 11 -15.06 47.70 -2.51
C VAL D 11 -16.04 46.56 -2.61
N GLY D 12 -15.57 45.38 -2.96
CA GLY D 12 -16.46 44.25 -3.04
C GLY D 12 -15.99 43.20 -4.01
N ASP D 13 -16.56 42.01 -3.88
CA ASP D 13 -16.20 40.88 -4.72
C ASP D 13 -16.39 41.17 -6.20
N GLY D 14 -15.63 40.45 -7.02
CA GLY D 14 -15.73 40.60 -8.46
C GLY D 14 -17.12 40.28 -8.93
N ALA D 15 -17.60 41.06 -9.90
CA ALA D 15 -18.91 40.86 -10.52
C ALA D 15 -20.05 40.89 -9.49
N VAL D 16 -19.96 41.81 -8.52
CA VAL D 16 -21.07 42.04 -7.62
C VAL D 16 -21.94 43.16 -8.22
N GLY D 17 -21.30 43.94 -9.09
CA GLY D 17 -22.01 45.02 -9.77
C GLY D 17 -21.60 46.37 -9.26
N LYS D 18 -20.34 46.49 -8.85
CA LYS D 18 -19.81 47.75 -8.31
C LYS D 18 -19.87 48.85 -9.37
N THR D 19 -19.39 48.53 -10.56
CA THR D 19 -19.26 49.54 -11.61
C THR D 19 -20.62 49.97 -12.17
N CYS D 20 -21.54 49.01 -12.33
CA CYS D 20 -22.90 49.34 -12.75
C CYS D 20 -23.60 50.16 -11.69
N LEU D 21 -23.25 49.89 -10.44
CA LEU D 21 -23.79 50.62 -9.31
C LEU D 21 -23.41 52.08 -9.40
N LEU D 22 -22.21 52.33 -9.91
CA LEU D 22 -21.69 53.69 -10.03
C LEU D 22 -22.14 54.38 -11.31
N ILE D 23 -22.47 53.59 -12.34
CA ILE D 23 -22.87 54.16 -13.62
C ILE D 23 -24.38 54.29 -13.74
N SER D 24 -25.12 53.36 -13.15
CA SER D 24 -26.58 53.45 -13.17
C SER D 24 -27.06 54.48 -12.16
N TYR D 25 -26.11 55.13 -11.51
CA TYR D 25 -26.38 56.20 -10.56
C TYR D 25 -26.15 57.57 -11.19
N THR D 26 -24.96 57.75 -11.74
CA THR D 26 -24.56 59.03 -12.32
C THR D 26 -25.24 59.38 -13.66
N THR D 27 -25.35 58.42 -14.57
CA THR D 27 -26.00 58.70 -15.85
C THR D 27 -27.31 57.93 -16.12
N ASN D 28 -27.82 57.20 -15.13
CA ASN D 28 -29.03 56.39 -15.28
C ASN D 28 -29.03 55.43 -16.47
N LYS D 29 -27.86 55.21 -17.05
CA LYS D 29 -27.71 54.23 -18.12
C LYS D 29 -27.13 52.94 -17.56
N PHE D 30 -27.84 51.83 -17.73
CA PHE D 30 -27.34 50.55 -17.26
C PHE D 30 -26.56 49.90 -18.40
N PRO D 31 -25.25 49.69 -18.21
CA PRO D 31 -24.32 49.18 -19.22
C PRO D 31 -24.52 47.70 -19.57
N SER D 32 -24.21 47.33 -20.81
CA SER D 32 -24.31 45.94 -21.26
C SER D 32 -23.01 45.17 -21.03
N GLU D 33 -21.90 45.85 -21.33
CA GLU D 33 -20.55 45.30 -21.28
C GLU D 33 -20.01 44.89 -19.91
N TYR D 34 -19.45 43.69 -19.83
CA TYR D 34 -18.75 43.25 -18.62
C TYR D 34 -17.25 43.45 -18.78
N VAL D 35 -16.69 44.36 -18.00
CA VAL D 35 -15.23 44.54 -17.96
C VAL D 35 -14.70 44.45 -16.52
N PRO D 36 -13.64 43.66 -16.33
CA PRO D 36 -13.02 43.66 -15.00
C PRO D 36 -12.35 45.02 -14.76
N THR D 37 -12.93 45.81 -13.85
CA THR D 37 -12.46 47.18 -13.64
C THR D 37 -11.19 47.21 -12.81
N VAL D 38 -10.23 48.00 -13.27
CA VAL D 38 -8.89 48.04 -12.68
C VAL D 38 -8.78 49.07 -11.53
N PHE D 39 -9.15 50.32 -11.82
CA PHE D 39 -9.39 51.42 -10.90
C PHE D 39 -10.07 52.47 -11.79
N ASP D 40 -10.97 53.28 -11.23
CA ASP D 40 -11.58 54.40 -11.95
C ASP D 40 -12.00 55.47 -10.97
N ASN D 41 -12.21 56.66 -11.51
CA ASN D 41 -12.52 57.83 -10.70
C ASN D 41 -13.64 58.62 -11.36
N TYR D 42 -14.62 58.98 -10.55
CA TYR D 42 -15.72 59.79 -11.01
C TYR D 42 -15.91 60.96 -10.04
N ALA D 43 -16.41 62.07 -10.57
CA ALA D 43 -16.61 63.26 -9.76
C ALA D 43 -17.98 63.84 -10.04
N VAL D 44 -18.74 64.06 -8.98
CA VAL D 44 -20.09 64.61 -9.09
C VAL D 44 -20.33 65.64 -8.00
N THR D 45 -20.87 66.79 -8.37
CA THR D 45 -21.15 67.83 -7.38
C THR D 45 -22.56 67.64 -6.81
N VAL D 46 -22.65 67.53 -5.49
CA VAL D 46 -23.95 67.29 -4.86
C VAL D 46 -24.26 68.33 -3.76
N MET D 47 -25.54 68.66 -3.61
CA MET D 47 -25.98 69.73 -2.70
C MET D 47 -26.57 69.27 -1.39
N ILE D 48 -25.97 69.74 -0.29
CA ILE D 48 -26.48 69.50 1.05
C ILE D 48 -26.60 70.81 1.81
N GLY D 49 -27.83 71.17 2.18
CA GLY D 49 -28.11 72.38 2.92
C GLY D 49 -27.64 73.65 2.24
N GLY D 50 -27.68 73.66 0.92
CA GLY D 50 -27.24 74.81 0.15
C GLY D 50 -25.74 74.99 0.16
N GLU D 51 -25.00 73.89 0.29
CA GLU D 51 -23.55 73.96 0.20
C GLU D 51 -23.03 72.93 -0.78
N PRO D 52 -22.18 73.37 -1.73
CA PRO D 52 -21.69 72.53 -2.82
C PRO D 52 -20.59 71.57 -2.36
N TYR D 53 -20.90 70.28 -2.36
CA TYR D 53 -19.90 69.26 -2.08
C TYR D 53 -19.49 68.54 -3.36
N THR D 54 -18.21 68.23 -3.50
CA THR D 54 -17.76 67.45 -4.64
C THR D 54 -17.63 65.99 -4.24
N LEU D 55 -18.48 65.14 -4.79
CA LEU D 55 -18.56 63.75 -4.36
C LEU D 55 -17.55 62.86 -5.10
N GLY D 56 -16.61 62.32 -4.35
CA GLY D 56 -15.63 61.42 -4.93
C GLY D 56 -16.10 59.99 -4.91
N LEU D 57 -16.15 59.38 -6.10
CA LEU D 57 -16.54 57.99 -6.21
C LEU D 57 -15.37 57.17 -6.71
N PHE D 58 -14.94 56.21 -5.90
CA PHE D 58 -13.82 55.37 -6.27
C PHE D 58 -14.26 53.93 -6.55
N ASP D 59 -13.90 53.44 -7.74
CA ASP D 59 -14.22 52.08 -8.14
C ASP D 59 -12.98 51.19 -8.08
N THR D 60 -13.07 50.07 -7.38
CA THR D 60 -11.94 49.17 -7.21
C THR D 60 -12.19 47.80 -7.81
N ALA D 61 -11.13 47.01 -7.91
CA ALA D 61 -11.18 45.67 -8.48
C ALA D 61 -11.66 44.67 -7.45
N GLY D 62 -12.37 43.64 -7.89
CA GLY D 62 -12.83 42.62 -6.97
C GLY D 62 -11.92 41.40 -6.93
N GLN D 63 -11.37 41.04 -8.09
CA GLN D 63 -10.51 39.86 -8.19
C GLN D 63 -9.22 39.94 -7.36
N GLU D 64 -8.78 38.78 -6.89
CA GLU D 64 -7.65 38.65 -5.98
C GLU D 64 -6.31 39.07 -6.56
N ASP D 65 -6.24 39.35 -7.85
CA ASP D 65 -4.97 39.74 -8.47
C ASP D 65 -4.55 41.14 -8.05
N TYR D 66 -5.54 41.99 -7.79
CA TYR D 66 -5.29 43.37 -7.47
C TYR D 66 -5.29 43.60 -5.96
N ASP D 67 -5.16 42.53 -5.19
CA ASP D 67 -5.11 42.64 -3.73
C ASP D 67 -3.96 43.54 -3.30
N ARG D 68 -2.91 43.57 -4.11
CA ARG D 68 -1.74 44.36 -3.77
C ARG D 68 -1.86 45.78 -4.28
N LEU D 69 -2.74 45.99 -5.24
CA LEU D 69 -2.93 47.28 -5.90
C LEU D 69 -4.04 48.11 -5.28
N ARG D 70 -5.12 47.43 -4.90
CA ARG D 70 -6.33 48.08 -4.39
C ARG D 70 -6.12 49.09 -3.24
N PRO D 71 -5.23 48.79 -2.28
CA PRO D 71 -5.14 49.77 -1.18
C PRO D 71 -4.56 51.14 -1.56
N LEU D 72 -4.38 51.40 -2.85
CA LEU D 72 -3.91 52.71 -3.29
C LEU D 72 -5.08 53.67 -3.39
N SER D 73 -6.27 53.11 -3.43
CA SER D 73 -7.48 53.92 -3.51
C SER D 73 -7.95 54.28 -2.11
N TYR D 74 -7.42 53.56 -1.12
CA TYR D 74 -7.88 53.71 0.27
C TYR D 74 -7.54 55.02 1.00
N PRO D 75 -6.34 55.60 0.80
CA PRO D 75 -5.99 56.78 1.61
C PRO D 75 -6.99 57.94 1.50
N GLN D 76 -7.24 58.61 2.63
CA GLN D 76 -8.17 59.75 2.73
C GLN D 76 -9.63 59.40 2.40
N THR D 77 -10.08 58.22 2.84
CA THR D 77 -11.47 57.81 2.59
C THR D 77 -12.42 58.24 3.71
N ASP D 78 -13.54 58.85 3.32
CA ASP D 78 -14.53 59.37 4.28
C ASP D 78 -15.62 58.34 4.62
N VAL D 79 -15.91 57.46 3.67
CA VAL D 79 -16.90 56.42 3.87
C VAL D 79 -16.68 55.27 2.89
N PHE D 80 -16.80 54.05 3.39
CA PHE D 80 -16.62 52.87 2.55
C PHE D 80 -17.96 52.24 2.17
N LEU D 81 -17.98 51.59 1.01
CA LEU D 81 -19.13 50.77 0.61
C LEU D 81 -18.73 49.32 0.43
N VAL D 82 -19.15 48.48 1.38
CA VAL D 82 -18.85 47.07 1.33
C VAL D 82 -19.99 46.35 0.63
N CYS D 83 -19.69 45.74 -0.50
CA CYS D 83 -20.74 45.24 -1.38
C CYS D 83 -20.72 43.73 -1.55
N PHE D 84 -21.91 43.16 -1.66
CA PHE D 84 -22.10 41.76 -2.03
C PHE D 84 -23.39 41.63 -2.83
N SER D 85 -23.57 40.50 -3.49
CA SER D 85 -24.82 40.23 -4.17
C SER D 85 -25.69 39.34 -3.27
N VAL D 86 -27.00 39.58 -3.30
CA VAL D 86 -27.92 38.84 -2.45
C VAL D 86 -28.13 37.40 -2.94
N VAL D 87 -27.75 37.15 -4.19
CA VAL D 87 -27.93 35.82 -4.79
C VAL D 87 -26.63 35.03 -4.91
N SER D 88 -25.57 35.50 -4.25
CA SER D 88 -24.30 34.79 -4.24
C SER D 88 -23.74 34.80 -2.82
N PRO D 89 -24.05 33.75 -2.05
CA PRO D 89 -23.59 33.62 -0.65
C PRO D 89 -22.08 33.65 -0.54
N SER D 90 -21.38 33.21 -1.59
CA SER D 90 -19.92 33.31 -1.62
C SER D 90 -19.48 34.75 -1.38
N SER D 91 -20.01 35.65 -2.20
CA SER D 91 -19.75 37.09 -2.08
C SER D 91 -20.16 37.64 -0.71
N PHE D 92 -21.19 37.03 -0.13
CA PHE D 92 -21.68 37.50 1.15
C PHE D 92 -20.65 37.30 2.27
N GLU D 93 -20.13 36.08 2.40
CA GLU D 93 -19.30 35.80 3.56
C GLU D 93 -17.86 36.29 3.40
N ASN D 94 -17.49 36.69 2.18
CA ASN D 94 -16.22 37.38 1.98
C ASN D 94 -16.22 38.76 2.60
N VAL D 95 -17.40 39.21 3.02
CA VAL D 95 -17.51 40.48 3.74
C VAL D 95 -16.84 40.37 5.09
N LYS D 96 -17.10 39.26 5.78
CA LYS D 96 -16.53 39.05 7.10
C LYS D 96 -15.11 38.54 6.99
N GLU D 97 -14.83 37.84 5.90
CA GLU D 97 -13.55 37.19 5.72
C GLU D 97 -12.47 38.10 5.14
N LYS D 98 -12.85 38.91 4.17
CA LYS D 98 -11.90 39.75 3.43
C LYS D 98 -12.10 41.23 3.63
N TRP D 99 -13.23 41.73 3.12
CA TRP D 99 -13.43 43.15 2.89
C TRP D 99 -13.46 43.97 4.18
N VAL D 100 -14.38 43.67 5.09
CA VAL D 100 -14.42 44.40 6.35
C VAL D 100 -13.08 44.32 7.09
N PRO D 101 -12.46 43.12 7.18
CA PRO D 101 -11.14 43.14 7.81
C PRO D 101 -10.09 43.88 6.99
N GLU D 102 -10.30 44.01 5.69
CA GLU D 102 -9.32 44.69 4.85
C GLU D 102 -9.34 46.19 5.10
N ILE D 103 -10.53 46.78 5.10
CA ILE D 103 -10.65 48.23 5.28
C ILE D 103 -10.42 48.69 6.72
N THR D 104 -10.65 47.80 7.68
CA THR D 104 -10.48 48.20 9.07
C THR D 104 -9.00 48.11 9.45
N HIS D 105 -8.21 47.49 8.57
CA HIS D 105 -6.77 47.45 8.75
C HIS D 105 -6.17 48.74 8.19
N HIS D 106 -6.56 49.08 6.96
CA HIS D 106 -5.95 50.18 6.23
C HIS D 106 -6.54 51.53 6.61
N CYS D 107 -7.84 51.57 6.86
CA CYS D 107 -8.51 52.80 7.24
C CYS D 107 -9.39 52.61 8.46
N PRO D 108 -8.78 52.51 9.64
CA PRO D 108 -9.53 52.35 10.88
C PRO D 108 -10.32 53.61 11.23
N LYS D 109 -11.36 53.47 12.05
CA LYS D 109 -12.20 54.60 12.46
C LYS D 109 -12.81 55.29 11.25
N THR D 110 -13.09 54.52 10.20
CA THR D 110 -13.79 55.04 9.04
C THR D 110 -15.13 54.35 8.91
N PRO D 111 -16.21 55.14 9.00
CA PRO D 111 -17.57 54.62 8.93
C PRO D 111 -17.81 53.94 7.60
N PHE D 112 -18.65 52.91 7.58
CA PHE D 112 -18.97 52.24 6.33
C PHE D 112 -20.39 51.68 6.37
N LEU D 113 -21.00 51.59 5.19
CA LEU D 113 -22.33 51.01 5.07
C LEU D 113 -22.21 49.62 4.47
N LEU D 114 -23.13 48.74 4.85
CA LEU D 114 -23.21 47.43 4.24
C LEU D 114 -24.20 47.47 3.09
N VAL D 115 -23.74 47.10 1.89
CA VAL D 115 -24.55 47.29 0.69
C VAL D 115 -24.86 46.00 -0.09
N GLY D 116 -26.14 45.65 -0.16
CA GLY D 116 -26.57 44.53 -0.97
C GLY D 116 -26.97 44.98 -2.36
N THR D 117 -26.53 44.24 -3.38
CA THR D 117 -26.87 44.56 -4.75
C THR D 117 -27.68 43.45 -5.40
N GLN D 118 -28.25 43.76 -6.57
CA GLN D 118 -29.03 42.79 -7.36
C GLN D 118 -30.22 42.21 -6.60
N ILE D 119 -31.04 43.10 -6.02
CA ILE D 119 -32.23 42.68 -5.30
C ILE D 119 -33.28 42.17 -6.29
N ASP D 120 -33.16 42.62 -7.54
CA ASP D 120 -34.12 42.30 -8.58
C ASP D 120 -34.08 40.81 -8.97
N LEU D 121 -32.98 40.14 -8.69
CA LEU D 121 -32.85 38.73 -9.03
C LEU D 121 -33.30 37.84 -7.87
N ARG D 122 -33.75 38.46 -6.78
CA ARG D 122 -34.26 37.73 -5.63
C ARG D 122 -35.57 36.99 -5.95
N ASP D 123 -36.24 37.39 -7.04
CA ASP D 123 -37.48 36.76 -7.47
C ASP D 123 -37.33 36.03 -8.80
N ASP D 124 -36.14 36.11 -9.39
CA ASP D 124 -35.82 35.48 -10.68
C ASP D 124 -35.89 33.94 -10.62
N PRO D 125 -36.67 33.35 -11.55
CA PRO D 125 -36.86 31.90 -11.69
C PRO D 125 -35.58 31.08 -11.92
N SER D 126 -34.71 31.54 -12.82
CA SER D 126 -33.53 30.75 -13.18
C SER D 126 -32.50 30.66 -12.06
N THR D 127 -32.53 31.64 -11.16
CA THR D 127 -31.67 31.65 -9.98
C THR D 127 -32.28 30.88 -8.82
N ILE D 128 -33.60 30.71 -8.85
CA ILE D 128 -34.29 29.91 -7.84
C ILE D 128 -33.71 28.50 -7.79
N GLU D 129 -33.69 27.85 -8.95
CA GLU D 129 -33.23 26.47 -9.08
C GLU D 129 -31.71 26.35 -8.94
N LYS D 130 -31.00 27.27 -9.60
CA LYS D 130 -29.54 27.24 -9.59
C LYS D 130 -28.96 27.34 -8.18
N LEU D 131 -29.59 28.15 -7.33
CA LEU D 131 -29.11 28.33 -5.97
C LEU D 131 -29.54 27.17 -5.08
N ALA D 132 -30.78 26.73 -5.26
CA ALA D 132 -31.33 25.63 -4.48
C ALA D 132 -30.66 24.31 -4.83
N LYS D 133 -30.12 24.24 -6.04
CA LYS D 133 -29.46 23.01 -6.50
C LYS D 133 -28.19 22.76 -5.70
N ASN D 134 -27.56 23.83 -5.25
CA ASN D 134 -26.39 23.72 -4.38
C ASN D 134 -26.77 23.87 -2.92
N LYS D 135 -28.05 23.66 -2.64
CA LYS D 135 -28.60 23.68 -1.30
C LYS D 135 -28.31 24.96 -0.50
N GLN D 136 -28.48 26.12 -1.13
CA GLN D 136 -28.45 27.39 -0.40
C GLN D 136 -29.51 28.37 -0.94
N LYS D 137 -29.77 29.43 -0.17
CA LYS D 137 -30.82 30.39 -0.50
C LYS D 137 -30.33 31.83 -0.29
N PRO D 138 -30.83 32.78 -1.12
CA PRO D 138 -30.42 34.18 -1.03
C PRO D 138 -30.68 34.81 0.35
N ILE D 139 -29.91 35.85 0.66
CA ILE D 139 -29.99 36.48 1.98
C ILE D 139 -31.22 37.36 2.16
N THR D 140 -32.02 37.04 3.17
CA THR D 140 -33.17 37.87 3.52
C THR D 140 -32.67 39.14 4.19
N PRO D 141 -33.48 40.22 4.12
CA PRO D 141 -33.14 41.49 4.79
C PRO D 141 -32.89 41.31 6.29
N GLU D 142 -33.45 40.24 6.86
CA GLU D 142 -33.27 39.95 8.28
C GLU D 142 -31.84 39.54 8.61
N THR D 143 -31.25 38.72 7.75
CA THR D 143 -29.92 38.14 8.00
C THR D 143 -28.77 39.13 7.85
N ALA D 144 -28.93 40.07 6.91
CA ALA D 144 -27.88 41.04 6.63
C ALA D 144 -27.81 42.16 7.67
N GLU D 145 -28.95 42.56 8.22
CA GLU D 145 -28.95 43.64 9.19
C GLU D 145 -28.54 43.16 10.56
N LYS D 146 -28.61 41.85 10.77
CA LYS D 146 -28.02 41.23 11.95
C LYS D 146 -26.51 41.13 11.81
N LEU D 147 -26.04 41.08 10.56
CA LEU D 147 -24.60 41.07 10.30
C LEU D 147 -24.01 42.45 10.49
N ALA D 148 -24.66 43.44 9.89
CA ALA D 148 -24.20 44.81 10.00
C ALA D 148 -24.15 45.25 11.46
N ARG D 149 -25.04 44.69 12.28
CA ARG D 149 -25.06 45.01 13.70
C ARG D 149 -23.87 44.40 14.43
N ASP D 150 -23.28 43.35 13.87
CA ASP D 150 -22.17 42.70 14.52
C ASP D 150 -20.85 43.30 14.09
N LEU D 151 -20.76 43.64 12.81
CA LEU D 151 -19.51 44.12 12.23
C LEU D 151 -19.26 45.59 12.52
N LYS D 152 -20.14 46.18 13.33
CA LYS D 152 -20.07 47.59 13.72
C LYS D 152 -20.20 48.48 12.48
N ALA D 153 -20.99 48.01 11.51
CA ALA D 153 -21.32 48.81 10.34
C ALA D 153 -22.34 49.88 10.71
N VAL D 154 -22.39 50.96 9.94
CA VAL D 154 -23.32 52.05 10.24
C VAL D 154 -24.78 51.63 10.03
N LYS D 155 -25.09 51.18 8.81
CA LYS D 155 -26.44 50.73 8.50
C LYS D 155 -26.40 49.82 7.27
N TYR D 156 -27.47 49.06 7.07
CA TYR D 156 -27.56 48.21 5.90
C TYR D 156 -28.58 48.71 4.88
N VAL D 157 -28.13 48.86 3.64
CA VAL D 157 -29.01 49.28 2.54
C VAL D 157 -28.94 48.29 1.37
N GLU D 158 -30.05 48.10 0.66
CA GLU D 158 -30.01 47.30 -0.56
C GLU D 158 -30.67 48.01 -1.74
N CYS D 159 -30.28 47.58 -2.94
CA CYS D 159 -30.58 48.31 -4.17
C CYS D 159 -30.41 47.43 -5.38
N SER D 160 -31.02 47.81 -6.50
CA SER D 160 -30.68 47.19 -7.77
C SER D 160 -30.32 48.26 -8.78
N ALA D 161 -29.18 48.09 -9.45
CA ALA D 161 -28.72 49.09 -10.40
C ALA D 161 -29.63 49.08 -11.62
N LEU D 162 -30.16 47.90 -11.92
CA LEU D 162 -31.06 47.74 -13.05
C LEU D 162 -32.37 48.51 -12.87
N THR D 163 -33.10 48.17 -11.80
CA THR D 163 -34.36 48.84 -11.48
C THR D 163 -34.23 50.19 -10.77
N GLN D 164 -33.03 50.50 -10.32
CA GLN D 164 -32.70 51.76 -9.64
C GLN D 164 -33.51 51.87 -8.35
N ARG D 165 -34.12 50.77 -7.93
CA ARG D 165 -34.99 50.78 -6.77
C ARG D 165 -34.11 50.96 -5.54
N GLY D 166 -34.37 52.03 -4.79
CA GLY D 166 -33.56 52.36 -3.65
C GLY D 166 -32.09 52.64 -3.94
N LEU D 167 -31.79 52.98 -5.20
CA LEU D 167 -30.40 53.21 -5.61
C LEU D 167 -29.89 54.57 -5.13
N LYS D 168 -30.63 55.63 -5.41
CA LYS D 168 -30.27 56.95 -4.91
C LYS D 168 -30.21 56.91 -3.38
N ASN D 169 -31.09 56.11 -2.79
CA ASN D 169 -31.18 55.96 -1.35
C ASN D 169 -29.86 55.50 -0.74
N VAL D 170 -29.12 54.70 -1.49
CA VAL D 170 -27.84 54.17 -1.04
C VAL D 170 -26.84 55.28 -0.75
N PHE D 171 -26.58 56.11 -1.76
CA PHE D 171 -25.58 57.17 -1.67
C PHE D 171 -25.94 58.25 -0.67
N ASP D 172 -27.24 58.53 -0.52
CA ASP D 172 -27.66 59.57 0.39
C ASP D 172 -27.51 59.17 1.86
N GLU D 173 -27.84 57.93 2.18
CA GLU D 173 -27.65 57.43 3.54
C GLU D 173 -26.14 57.29 3.81
N ALA D 174 -25.38 57.13 2.73
CA ALA D 174 -23.93 56.98 2.82
C ALA D 174 -23.27 58.32 3.10
N ILE D 175 -23.75 59.37 2.44
CA ILE D 175 -23.25 60.72 2.64
C ILE D 175 -23.48 61.18 4.08
N LEU D 176 -24.65 60.86 4.61
CA LEU D 176 -25.02 61.27 5.96
C LEU D 176 -24.04 60.69 6.99
N ALA D 177 -23.53 59.49 6.71
CA ALA D 177 -22.56 58.85 7.59
C ALA D 177 -21.18 59.45 7.41
N ALA D 178 -20.93 59.97 6.20
CA ALA D 178 -19.64 60.55 5.86
C ALA D 178 -19.32 61.74 6.76
N LEU D 179 -20.36 62.47 7.16
CA LEU D 179 -20.14 63.59 8.05
C LEU D 179 -20.55 63.17 9.48
N GLU D 180 -19.56 62.99 10.33
CA GLU D 180 -19.80 62.57 11.71
C GLU D 180 -18.79 63.18 12.67
#